data_2I45
#
_entry.id   2I45
#
_cell.length_a   94.932
_cell.length_b   94.932
_cell.length_c   155.704
_cell.angle_alpha   90.00
_cell.angle_beta   90.00
_cell.angle_gamma   90.00
#
_symmetry.space_group_name_H-M   'P 43'
#
loop_
_entity.id
_entity.type
_entity.pdbx_description
1 polymer 'Hypothetical protein'
2 water water
#
_entity_poly.entity_id   1
_entity_poly.type   'polypeptide(L)'
_entity_poly.pdbx_seq_one_letter_code
;(MSE)QNETINLKQHLAAIKEYWQPEIINRHGFQFHLVKLLGDYGWHTHGYSDKVLFAVEGD(MSE)AVDFADGGS
(MSE)TIREGE(MSE)AVVPKSVSHRPRSENGCSLVLIELSDPSEAV
;
_entity_poly.pdbx_strand_id   A,B,C,D,E,F,G,H,I,J
#
# COMPACT_ATOMS: atom_id res chain seq x y z
N GLU A 4 -8.99 -12.58 9.15
CA GLU A 4 -8.66 -13.97 9.58
C GLU A 4 -9.72 -15.07 9.29
N THR A 5 -9.80 -15.51 8.04
CA THR A 5 -10.73 -16.58 7.65
C THR A 5 -10.27 -17.89 8.24
N ILE A 6 -11.25 -18.73 8.58
CA ILE A 6 -11.08 -20.05 9.16
C ILE A 6 -11.34 -21.14 8.12
N ASN A 7 -10.30 -21.87 7.73
CA ASN A 7 -10.49 -22.97 6.80
C ASN A 7 -11.06 -24.20 7.51
N LEU A 8 -12.35 -24.45 7.31
CA LEU A 8 -13.06 -25.52 7.97
C LEU A 8 -12.40 -26.90 7.69
N LYS A 9 -12.27 -27.33 6.44
CA LYS A 9 -11.61 -28.62 6.14
C LYS A 9 -10.23 -28.80 6.85
N GLN A 10 -9.39 -27.75 6.75
CA GLN A 10 -8.12 -27.57 7.50
C GLN A 10 -8.11 -27.91 9.00
N HIS A 11 -8.91 -27.19 9.78
CA HIS A 11 -8.93 -27.32 11.21
C HIS A 11 -9.50 -28.67 11.57
N LEU A 12 -10.57 -29.04 10.84
CA LEU A 12 -11.24 -30.33 10.97
C LEU A 12 -10.30 -31.52 10.68
N ALA A 13 -9.68 -31.58 9.53
CA ALA A 13 -8.66 -32.64 9.31
C ALA A 13 -7.66 -32.82 10.50
N ALA A 14 -7.24 -31.71 11.11
CA ALA A 14 -6.28 -31.75 12.20
C ALA A 14 -6.82 -32.42 13.46
N ILE A 15 -7.94 -31.98 13.97
CA ILE A 15 -8.44 -32.56 15.21
C ILE A 15 -8.87 -34.05 15.10
N LYS A 16 -8.25 -34.91 15.93
CA LYS A 16 -8.22 -36.37 15.65
C LYS A 16 -8.90 -37.28 16.69
N GLU A 17 -9.69 -36.67 17.57
CA GLU A 17 -10.50 -37.41 18.55
C GLU A 17 -11.98 -36.96 18.50
N TYR A 18 -12.93 -37.82 18.78
CA TYR A 18 -14.29 -37.32 18.86
C TYR A 18 -14.50 -36.53 20.16
N TRP A 19 -15.49 -35.66 20.22
CA TRP A 19 -15.85 -34.97 21.50
C TRP A 19 -14.77 -34.08 22.10
N GLN A 20 -13.95 -33.50 21.24
CA GLN A 20 -12.83 -32.64 21.59
C GLN A 20 -12.92 -31.33 20.77
N PRO A 21 -13.63 -30.31 21.31
CA PRO A 21 -13.87 -29.11 20.49
C PRO A 21 -12.62 -28.25 20.34
N GLU A 22 -12.36 -27.77 19.14
CA GLU A 22 -11.41 -26.69 18.98
C GLU A 22 -12.23 -25.39 19.01
N ILE A 23 -11.98 -24.54 19.99
CA ILE A 23 -12.66 -23.24 20.08
C ILE A 23 -11.84 -22.17 19.39
N ILE A 24 -12.54 -21.26 18.70
CA ILE A 24 -11.96 -20.27 17.82
C ILE A 24 -12.72 -18.98 17.98
N ASN A 25 -12.02 -17.90 18.31
CA ASN A 25 -12.68 -16.60 18.53
C ASN A 25 -12.43 -15.59 17.46
N ARG A 26 -13.45 -14.81 17.22
CA ARG A 26 -13.42 -13.88 16.11
C ARG A 26 -14.53 -12.82 16.34
N HIS A 27 -14.15 -11.72 16.96
CA HIS A 27 -15.08 -10.62 17.26
C HIS A 27 -16.20 -11.06 18.24
N GLY A 28 -17.47 -10.79 17.92
CA GLY A 28 -18.60 -11.24 18.77
C GLY A 28 -18.79 -12.75 18.81
N PHE A 29 -18.28 -13.43 17.79
CA PHE A 29 -18.53 -14.86 17.55
C PHE A 29 -17.49 -15.86 18.09
N GLN A 30 -18.00 -16.88 18.79
CA GLN A 30 -17.28 -18.08 19.23
C GLN A 30 -17.60 -19.20 18.23
N PHE A 31 -16.59 -19.82 17.63
CA PHE A 31 -16.81 -21.03 16.80
C PHE A 31 -16.34 -22.26 17.53
N HIS A 32 -17.09 -23.37 17.47
CA HIS A 32 -16.61 -24.69 17.97
C HIS A 32 -16.56 -25.66 16.84
N LEU A 33 -15.45 -26.34 16.69
CA LEU A 33 -15.30 -27.40 15.71
C LEU A 33 -15.06 -28.68 16.52
N VAL A 34 -15.93 -29.69 16.33
CA VAL A 34 -15.88 -31.02 16.95
C VAL A 34 -16.30 -32.07 15.96
N LYS A 35 -15.86 -33.32 16.19
CA LYS A 35 -16.50 -34.43 15.52
C LYS A 35 -17.28 -35.23 16.54
N LEU A 36 -18.46 -35.72 16.15
CA LEU A 36 -19.28 -36.54 16.98
C LEU A 36 -19.41 -37.93 16.46
N LEU A 37 -19.49 -38.85 17.41
CA LEU A 37 -19.89 -40.17 17.11
C LEU A 37 -20.60 -40.55 18.37
N GLY A 38 -21.69 -41.27 18.20
CA GLY A 38 -22.24 -41.93 19.34
C GLY A 38 -23.14 -40.92 19.85
N ASP A 39 -23.01 -40.63 21.16
CA ASP A 39 -23.69 -39.56 21.84
C ASP A 39 -23.04 -39.39 23.24
N TYR A 40 -23.25 -38.23 23.90
CA TYR A 40 -22.72 -37.98 25.27
C TYR A 40 -23.77 -37.37 26.13
N GLY A 41 -24.98 -37.87 26.04
CA GLY A 41 -26.08 -37.39 26.81
C GLY A 41 -26.46 -35.96 26.51
N TRP A 42 -26.99 -35.26 27.54
CA TRP A 42 -27.79 -34.02 27.44
C TRP A 42 -27.05 -32.75 27.89
N HIS A 43 -27.31 -31.61 27.24
CA HIS A 43 -26.62 -30.33 27.54
C HIS A 43 -27.60 -29.15 27.62
N THR A 44 -27.09 -27.95 27.94
CA THR A 44 -27.92 -26.77 27.86
C THR A 44 -27.31 -25.49 27.17
N HIS A 45 -26.28 -24.92 27.78
CA HIS A 45 -25.81 -23.58 27.37
C HIS A 45 -26.90 -22.45 27.48
N SER A 48 -26.25 -18.09 24.37
CA SER A 48 -27.46 -17.91 23.56
C SER A 48 -27.57 -18.94 22.43
N ASP A 49 -28.40 -18.63 21.45
CA ASP A 49 -28.70 -19.56 20.37
C ASP A 49 -27.45 -20.02 19.70
N LYS A 50 -27.54 -21.18 19.09
CA LYS A 50 -26.39 -21.70 18.41
C LYS A 50 -26.72 -22.13 17.00
N VAL A 51 -25.70 -22.05 16.15
CA VAL A 51 -25.80 -22.48 14.80
C VAL A 51 -24.95 -23.74 14.64
N LEU A 52 -25.59 -24.82 14.24
CA LEU A 52 -24.83 -26.02 14.04
C LEU A 52 -24.79 -26.27 12.57
N PHE A 53 -23.61 -26.54 12.03
CA PHE A 53 -23.49 -26.68 10.59
C PHE A 53 -22.75 -27.99 10.39
N ALA A 54 -23.40 -28.88 9.72
CA ALA A 54 -22.91 -30.21 9.67
C ALA A 54 -21.97 -30.26 8.50
N VAL A 55 -20.68 -30.03 8.73
CA VAL A 55 -19.77 -30.01 7.56
C VAL A 55 -19.61 -31.36 6.95
N GLU A 56 -19.51 -32.42 7.76
CA GLU A 56 -19.25 -33.68 7.06
C GLU A 56 -20.14 -34.94 7.21
N GLY A 57 -20.52 -35.41 8.36
CA GLY A 57 -21.49 -36.48 8.14
C GLY A 57 -22.90 -35.95 8.37
N ASP A 58 -23.75 -36.80 8.93
CA ASP A 58 -25.05 -36.42 9.38
C ASP A 58 -25.07 -36.42 10.90
N ALA A 60 -27.99 -35.70 14.60
CA ALA A 60 -29.32 -35.35 15.04
C ALA A 60 -29.22 -34.66 16.36
N VAL A 61 -30.18 -33.80 16.69
CA VAL A 61 -30.31 -33.34 18.09
C VAL A 61 -31.63 -33.72 18.68
N ASP A 62 -31.62 -34.69 19.58
CA ASP A 62 -32.76 -34.98 20.47
C ASP A 62 -33.07 -33.88 21.45
N PHE A 63 -34.36 -33.65 21.67
CA PHE A 63 -34.85 -32.76 22.71
C PHE A 63 -35.49 -33.51 23.88
N ALA A 64 -35.45 -32.91 25.07
CA ALA A 64 -36.08 -33.53 26.24
C ALA A 64 -37.53 -33.90 25.97
N ASP A 65 -38.31 -32.98 25.41
CA ASP A 65 -39.70 -33.37 25.23
C ASP A 65 -39.89 -34.28 24.05
N GLY A 66 -38.87 -35.07 23.73
CA GLY A 66 -39.00 -36.12 22.72
C GLY A 66 -38.84 -35.72 21.25
N GLY A 67 -38.85 -34.40 20.96
CA GLY A 67 -38.61 -33.87 19.61
C GLY A 67 -37.25 -34.26 19.06
N SER A 68 -37.10 -34.24 17.75
CA SER A 68 -35.85 -34.62 17.18
C SER A 68 -35.57 -33.92 15.86
N THR A 70 -32.94 -33.65 12.52
CA THR A 70 -31.87 -34.17 11.66
C THR A 70 -31.12 -33.06 10.92
N ILE A 71 -29.80 -33.10 11.01
CA ILE A 71 -28.88 -32.15 10.38
C ILE A 71 -28.02 -33.00 9.46
N ARG A 72 -28.45 -33.12 8.22
CA ARG A 72 -27.70 -33.93 7.29
C ARG A 72 -26.57 -33.04 6.77
N GLU A 73 -25.58 -33.62 6.08
CA GLU A 73 -24.43 -32.88 5.54
C GLU A 73 -24.87 -31.71 4.64
N GLY A 74 -24.20 -30.57 4.82
CA GLY A 74 -24.49 -29.34 4.07
C GLY A 74 -25.72 -28.62 4.61
N GLU A 75 -26.10 -29.00 5.82
CA GLU A 75 -27.30 -28.49 6.39
C GLU A 75 -26.96 -27.68 7.58
N ALA A 77 -28.65 -25.71 11.18
CA ALA A 77 -29.79 -25.56 12.07
C ALA A 77 -29.41 -24.73 13.26
N VAL A 78 -30.42 -24.27 13.98
CA VAL A 78 -30.18 -23.59 15.24
C VAL A 78 -30.83 -24.27 16.45
N VAL A 79 -30.02 -24.43 17.50
CA VAL A 79 -30.44 -25.00 18.79
C VAL A 79 -30.63 -23.83 19.73
N PRO A 80 -31.89 -23.55 20.05
CA PRO A 80 -32.23 -22.38 20.86
C PRO A 80 -31.42 -22.42 22.17
N LYS A 81 -31.23 -21.24 22.74
CA LYS A 81 -30.71 -21.05 24.07
C LYS A 81 -31.57 -21.84 25.06
N SER A 82 -31.05 -22.59 26.03
CA SER A 82 -31.55 -23.04 27.29
C SER A 82 -32.28 -24.39 27.30
N VAL A 83 -32.42 -24.99 26.11
CA VAL A 83 -33.20 -26.16 25.97
C VAL A 83 -32.21 -27.28 26.12
N SER A 84 -32.44 -28.09 27.16
CA SER A 84 -31.68 -29.33 27.35
C SER A 84 -31.83 -30.12 26.07
N HIS A 85 -30.71 -30.67 25.57
CA HIS A 85 -30.72 -31.35 24.29
C HIS A 85 -29.61 -32.35 24.18
N ARG A 86 -29.62 -33.13 23.13
CA ARG A 86 -28.71 -34.22 23.06
C ARG A 86 -28.15 -34.44 21.65
N PRO A 87 -26.98 -33.88 21.41
CA PRO A 87 -26.51 -34.02 20.05
C PRO A 87 -25.95 -35.43 19.85
N ARG A 88 -26.13 -36.01 18.67
CA ARG A 88 -25.68 -37.38 18.48
C ARG A 88 -25.42 -37.64 17.05
N SER A 89 -24.67 -38.69 16.74
CA SER A 89 -24.37 -38.97 15.36
C SER A 89 -24.27 -40.46 15.11
N GLU A 90 -25.13 -40.95 14.25
CA GLU A 90 -25.19 -42.34 14.00
C GLU A 90 -23.88 -42.79 13.37
N ASN A 91 -23.26 -41.98 12.53
CA ASN A 91 -22.07 -42.54 11.84
C ASN A 91 -20.82 -41.70 11.78
N GLY A 92 -20.82 -40.57 12.54
CA GLY A 92 -19.74 -39.60 12.58
C GLY A 92 -20.05 -38.36 11.76
N CYS A 93 -19.85 -37.20 12.35
CA CYS A 93 -20.20 -35.87 11.77
C CYS A 93 -19.07 -34.90 12.17
N SER A 94 -18.60 -34.05 11.23
CA SER A 94 -17.81 -32.89 11.61
C SER A 94 -18.68 -31.67 11.80
N LEU A 95 -18.66 -31.02 12.95
CA LEU A 95 -19.60 -29.96 13.19
C LEU A 95 -18.93 -28.63 13.53
N VAL A 96 -19.38 -27.55 12.88
CA VAL A 96 -18.99 -26.24 13.28
C VAL A 96 -20.21 -25.63 14.00
N LEU A 97 -19.94 -25.00 15.13
CA LEU A 97 -20.96 -24.44 15.97
C LEU A 97 -20.67 -22.99 16.21
N ILE A 98 -21.60 -22.13 15.86
CA ILE A 98 -21.39 -20.71 16.00
C ILE A 98 -22.23 -20.13 17.19
N GLU A 99 -21.55 -19.41 18.09
CA GLU A 99 -22.09 -18.82 19.37
C GLU A 99 -21.83 -17.35 19.43
N LEU A 100 -22.38 -16.71 20.47
CA LEU A 100 -22.12 -15.33 20.74
C LEU A 100 -21.11 -15.10 21.90
N SER A 101 -21.46 -14.14 22.83
CA SER A 101 -20.57 -13.39 23.78
C SER A 101 -19.12 -13.86 23.95
N ASN B 3 -36.96 -29.43 7.51
CA ASN B 3 -38.06 -28.92 8.40
C ASN B 3 -37.67 -27.55 9.01
N GLU B 4 -37.15 -27.57 10.26
CA GLU B 4 -36.43 -26.46 10.87
C GLU B 4 -34.94 -26.38 10.43
N THR B 5 -34.53 -27.19 9.46
CA THR B 5 -33.14 -27.17 9.01
C THR B 5 -33.08 -26.46 7.68
N ILE B 6 -31.88 -26.12 7.23
CA ILE B 6 -31.70 -25.37 6.03
C ILE B 6 -30.73 -26.16 5.14
N ASN B 7 -31.23 -26.73 4.05
CA ASN B 7 -30.28 -27.25 3.09
C ASN B 7 -29.77 -26.16 2.15
N LEU B 8 -28.67 -25.58 2.60
CA LEU B 8 -27.86 -24.66 1.85
C LEU B 8 -27.93 -24.93 0.37
N LYS B 9 -27.41 -26.07 -0.11
CA LYS B 9 -27.37 -26.33 -1.57
C LYS B 9 -28.74 -26.11 -2.24
N GLN B 10 -29.74 -26.82 -1.78
CA GLN B 10 -31.01 -26.66 -2.39
C GLN B 10 -31.57 -25.20 -2.28
N HIS B 11 -31.40 -24.50 -1.15
CA HIS B 11 -31.83 -23.08 -1.11
C HIS B 11 -31.09 -22.19 -2.16
N LEU B 12 -29.81 -22.45 -2.30
CA LEU B 12 -29.05 -21.64 -3.20
C LEU B 12 -29.47 -21.94 -4.63
N ALA B 13 -29.42 -23.21 -5.05
CA ALA B 13 -29.89 -23.60 -6.38
C ALA B 13 -31.19 -22.90 -6.81
N ALA B 14 -32.07 -22.54 -5.86
CA ALA B 14 -33.35 -21.85 -6.17
C ALA B 14 -33.17 -20.40 -6.57
N ILE B 15 -32.03 -19.84 -6.21
CA ILE B 15 -31.78 -18.43 -6.43
C ILE B 15 -30.84 -18.34 -7.63
N LYS B 16 -31.36 -17.79 -8.72
CA LYS B 16 -30.60 -17.73 -9.98
C LYS B 16 -30.35 -16.27 -10.36
N GLU B 17 -30.46 -15.38 -9.37
CA GLU B 17 -30.22 -13.91 -9.50
C GLU B 17 -28.98 -13.49 -8.73
N TYR B 18 -28.50 -12.28 -8.88
CA TYR B 18 -27.14 -12.10 -8.43
C TYR B 18 -26.78 -11.26 -7.30
N TRP B 19 -27.48 -10.22 -6.98
CA TRP B 19 -27.08 -9.61 -5.72
C TRP B 19 -28.40 -9.56 -5.06
N GLN B 20 -29.05 -10.73 -5.07
CA GLN B 20 -30.42 -10.84 -4.54
C GLN B 20 -30.58 -11.83 -3.41
N PRO B 21 -30.27 -11.38 -2.19
CA PRO B 21 -30.26 -12.25 -1.03
C PRO B 21 -31.63 -12.80 -0.82
N GLU B 22 -31.72 -14.09 -0.57
CA GLU B 22 -32.86 -14.66 0.10
C GLU B 22 -32.50 -14.64 1.60
N ILE B 23 -33.46 -14.32 2.44
CA ILE B 23 -33.24 -14.22 3.88
C ILE B 23 -34.12 -15.22 4.65
N ILE B 24 -33.50 -16.03 5.51
CA ILE B 24 -34.25 -16.96 6.38
C ILE B 24 -34.09 -16.64 7.88
N ASN B 25 -35.20 -16.72 8.64
CA ASN B 25 -35.15 -16.66 10.11
C ASN B 25 -35.26 -17.99 10.91
N ARG B 26 -34.48 -18.14 11.97
CA ARG B 26 -34.53 -19.34 12.80
C ARG B 26 -34.17 -18.87 14.19
N HIS B 27 -35.15 -18.73 15.08
CA HIS B 27 -34.84 -18.21 16.43
C HIS B 27 -34.05 -16.89 16.34
N GLY B 28 -33.07 -16.67 17.23
CA GLY B 28 -32.23 -15.43 17.23
C GLY B 28 -31.11 -15.44 16.18
N PHE B 29 -31.44 -15.91 14.98
CA PHE B 29 -30.52 -15.81 13.83
C PHE B 29 -31.19 -15.48 12.53
N GLN B 30 -30.51 -14.66 11.73
CA GLN B 30 -30.93 -14.35 10.38
C GLN B 30 -29.94 -14.88 9.34
N PHE B 31 -30.43 -15.54 8.32
CA PHE B 31 -29.47 -16.05 7.27
C PHE B 31 -29.79 -15.37 5.98
N HIS B 32 -28.75 -14.83 5.37
CA HIS B 32 -28.82 -14.28 4.04
C HIS B 32 -28.11 -15.25 3.07
N LEU B 33 -28.81 -15.65 2.01
CA LEU B 33 -28.16 -16.48 0.95
C LEU B 33 -28.21 -15.62 -0.30
N VAL B 34 -27.06 -15.41 -0.92
CA VAL B 34 -26.92 -14.47 -2.02
C VAL B 34 -25.83 -14.99 -2.87
N LYS B 35 -25.84 -14.61 -4.14
CA LYS B 35 -24.75 -15.01 -4.98
C LYS B 35 -24.08 -13.76 -5.41
N LEU B 36 -22.74 -13.78 -5.49
CA LEU B 36 -21.84 -12.65 -5.81
C LEU B 36 -21.01 -12.86 -7.06
N LEU B 37 -20.90 -11.78 -7.86
CA LEU B 37 -20.07 -11.72 -9.06
C LEU B 37 -19.60 -10.26 -9.21
N GLY B 38 -18.39 -10.04 -9.72
CA GLY B 38 -17.74 -8.70 -9.70
C GLY B 38 -17.90 -8.01 -8.34
N ASP B 39 -18.27 -6.73 -8.30
CA ASP B 39 -18.68 -6.10 -7.04
C ASP B 39 -19.65 -4.97 -7.22
N TYR B 40 -20.11 -4.43 -6.08
CA TYR B 40 -21.03 -3.31 -6.10
C TYR B 40 -20.54 -2.23 -5.23
N GLY B 41 -19.23 -2.14 -5.09
CA GLY B 41 -18.66 -1.08 -4.27
C GLY B 41 -18.63 -1.35 -2.77
N TRP B 42 -18.56 -0.28 -1.97
CA TRP B 42 -18.29 -0.42 -0.57
C TRP B 42 -19.64 -0.50 0.12
N HIS B 43 -19.75 -1.30 1.16
CA HIS B 43 -20.91 -1.23 2.05
C HIS B 43 -20.32 -1.16 3.40
N THR B 44 -21.13 -0.77 4.41
CA THR B 44 -20.88 -1.22 5.80
C THR B 44 -21.74 -2.42 6.23
N TYR B 47 -24.90 -1.64 12.47
CA TYR B 47 -25.55 -2.94 12.10
C TYR B 47 -25.40 -3.99 13.20
N SER B 48 -24.76 -5.13 12.83
CA SER B 48 -24.37 -6.15 13.79
C SER B 48 -23.28 -6.98 13.10
N ASP B 49 -22.61 -7.94 13.74
CA ASP B 49 -21.50 -8.61 13.06
C ASP B 49 -22.09 -9.63 12.16
N LYS B 50 -21.34 -10.04 11.13
CA LYS B 50 -21.83 -11.04 10.16
C LYS B 50 -20.78 -12.11 9.96
N VAL B 51 -21.22 -13.37 9.87
CA VAL B 51 -20.27 -14.42 9.64
C VAL B 51 -20.54 -14.67 8.20
N LEU B 52 -19.53 -15.06 7.41
CA LEU B 52 -19.66 -15.24 5.98
C LEU B 52 -19.15 -16.60 5.67
N PHE B 53 -19.90 -17.37 4.90
CA PHE B 53 -19.40 -18.67 4.67
C PHE B 53 -19.47 -18.96 3.17
N ALA B 54 -18.34 -19.34 2.58
CA ALA B 54 -18.28 -19.40 1.15
C ALA B 54 -18.67 -20.76 0.85
N VAL B 55 -19.98 -20.89 0.67
CA VAL B 55 -20.59 -22.21 0.38
C VAL B 55 -20.03 -22.78 -0.90
N GLU B 56 -20.09 -22.03 -1.99
CA GLU B 56 -19.52 -22.58 -3.27
C GLU B 56 -18.84 -21.45 -4.01
N GLY B 57 -17.67 -21.72 -4.61
CA GLY B 57 -16.83 -20.67 -5.23
C GLY B 57 -16.01 -19.80 -4.29
N ASP B 58 -15.09 -19.00 -4.82
CA ASP B 58 -14.29 -18.10 -3.94
C ASP B 58 -14.70 -16.64 -3.98
N ALA B 60 -13.57 -12.44 -2.17
CA ALA B 60 -12.70 -11.64 -1.28
C ALA B 60 -13.47 -10.50 -0.61
N VAL B 61 -12.85 -9.88 0.38
CA VAL B 61 -13.42 -8.69 0.97
C VAL B 61 -12.29 -7.73 1.19
N ASP B 62 -12.36 -6.59 0.52
CA ASP B 62 -11.52 -5.43 0.83
C ASP B 62 -12.02 -4.67 2.06
N PHE B 63 -11.11 -4.27 2.94
CA PHE B 63 -11.43 -3.29 4.00
C PHE B 63 -10.87 -1.84 3.87
N ALA B 64 -11.48 -0.93 4.65
CA ALA B 64 -11.20 0.51 4.60
C ALA B 64 -9.81 0.82 5.07
N ASP B 65 -9.23 -0.10 5.80
CA ASP B 65 -7.88 0.07 6.32
C ASP B 65 -6.81 -0.54 5.39
N GLY B 66 -7.22 -0.95 4.19
CA GLY B 66 -6.22 -1.43 3.26
C GLY B 66 -6.10 -2.93 3.18
N GLY B 67 -6.37 -3.61 4.28
CA GLY B 67 -6.45 -5.06 4.26
C GLY B 67 -7.49 -5.61 3.27
N SER B 68 -7.17 -6.80 2.79
CA SER B 68 -8.05 -7.49 1.92
C SER B 68 -7.96 -8.94 2.37
N THR B 70 -9.16 -13.05 1.44
CA THR B 70 -9.69 -14.12 0.61
C THR B 70 -10.54 -15.13 1.44
N ILE B 71 -11.76 -15.39 0.99
CA ILE B 71 -12.60 -16.45 1.53
C ILE B 71 -12.87 -17.48 0.42
N ARG B 72 -12.21 -18.66 0.50
CA ARG B 72 -12.32 -19.64 -0.62
C ARG B 72 -13.41 -20.57 -0.28
N GLU B 73 -13.99 -21.23 -1.28
CA GLU B 73 -14.94 -22.32 -1.02
C GLU B 73 -14.55 -23.08 0.21
N GLY B 74 -15.40 -23.01 1.23
CA GLY B 74 -15.26 -23.94 2.36
C GLY B 74 -14.84 -23.18 3.60
N GLU B 75 -14.74 -21.84 3.52
CA GLU B 75 -14.12 -21.12 4.57
C GLU B 75 -15.08 -20.10 5.19
N ALA B 77 -15.40 -16.48 7.68
CA ALA B 77 -14.74 -15.32 8.21
C ALA B 77 -15.81 -14.43 8.82
N VAL B 78 -15.43 -13.32 9.45
CA VAL B 78 -16.46 -12.48 10.00
C VAL B 78 -16.28 -11.01 9.66
N VAL B 79 -17.33 -10.35 9.22
CA VAL B 79 -17.21 -8.94 8.98
C VAL B 79 -17.85 -8.16 10.07
N PRO B 80 -17.04 -7.51 10.89
CA PRO B 80 -17.63 -6.87 12.06
C PRO B 80 -18.43 -5.67 11.63
N LYS B 81 -19.43 -5.33 12.49
CA LYS B 81 -20.32 -4.19 12.17
C LYS B 81 -19.38 -3.03 12.09
N SER B 82 -19.71 -1.99 11.30
CA SER B 82 -19.07 -0.64 11.33
C SER B 82 -17.60 -0.58 10.86
N VAL B 83 -17.41 -1.40 9.85
CA VAL B 83 -16.20 -1.54 9.17
C VAL B 83 -16.74 -1.47 7.75
N SER B 84 -16.38 -0.44 7.01
CA SER B 84 -16.72 -0.37 5.61
C SER B 84 -15.88 -1.37 4.83
N HIS B 85 -16.50 -2.18 3.96
CA HIS B 85 -15.82 -3.20 3.25
C HIS B 85 -16.47 -3.36 1.92
N ARG B 86 -15.73 -4.01 1.04
CA ARG B 86 -16.13 -4.16 -0.31
C ARG B 86 -16.12 -5.66 -0.66
N PRO B 87 -17.28 -6.31 -0.54
CA PRO B 87 -17.42 -7.72 -0.84
C PRO B 87 -17.34 -7.94 -2.33
N ARG B 88 -16.85 -9.07 -2.81
CA ARG B 88 -16.58 -9.16 -4.23
C ARG B 88 -16.12 -10.57 -4.70
N SER B 89 -16.31 -10.93 -5.97
CA SER B 89 -16.04 -12.29 -6.40
C SER B 89 -15.60 -12.42 -7.88
N GLU B 90 -14.41 -12.93 -8.08
CA GLU B 90 -13.76 -12.94 -9.35
C GLU B 90 -14.53 -13.82 -10.36
N ASN B 91 -14.84 -15.05 -9.99
CA ASN B 91 -15.71 -15.90 -10.83
C ASN B 91 -17.05 -16.33 -10.25
N GLY B 92 -17.51 -15.67 -9.19
CA GLY B 92 -18.82 -15.98 -8.62
C GLY B 92 -18.78 -16.84 -7.35
N CYS B 93 -19.58 -16.47 -6.37
CA CYS B 93 -19.56 -17.12 -5.08
C CYS B 93 -20.97 -17.18 -4.54
N SER B 94 -21.35 -18.37 -4.04
CA SER B 94 -22.52 -18.53 -3.21
C SER B 94 -22.16 -18.49 -1.74
N LEU B 95 -22.88 -17.67 -0.97
CA LEU B 95 -22.43 -17.29 0.33
C LEU B 95 -23.56 -17.17 1.35
N VAL B 96 -23.35 -17.71 2.55
CA VAL B 96 -24.24 -17.47 3.65
C VAL B 96 -23.71 -16.41 4.59
N LEU B 97 -24.54 -15.41 4.82
CA LEU B 97 -24.28 -14.52 5.94
C LEU B 97 -25.09 -14.91 7.14
N ILE B 98 -24.54 -14.71 8.36
CA ILE B 98 -25.26 -14.99 9.59
C ILE B 98 -25.21 -13.82 10.61
N GLU B 99 -26.34 -13.52 11.24
CA GLU B 99 -26.35 -12.54 12.28
C GLU B 99 -27.30 -12.95 13.35
N LEU B 100 -27.13 -12.40 14.55
CA LEU B 100 -28.19 -12.28 15.59
C LEU B 100 -29.34 -11.37 15.05
N SER B 101 -30.45 -11.33 15.79
CA SER B 101 -31.57 -10.40 15.51
C SER B 101 -31.84 -9.41 16.70
N GLU C 4 -3.19 14.21 -36.69
CA GLU C 4 -4.60 14.62 -37.03
C GLU C 4 -5.60 13.51 -36.68
N THR C 5 -6.04 12.80 -37.73
CA THR C 5 -6.85 11.57 -37.60
C THR C 5 -6.03 10.45 -36.99
N ILE C 6 -6.67 9.29 -36.83
CA ILE C 6 -6.02 8.13 -36.27
C ILE C 6 -6.32 6.95 -37.15
N ASN C 7 -5.29 6.31 -37.65
CA ASN C 7 -5.52 5.08 -38.38
C ASN C 7 -5.51 3.96 -37.37
N LEU C 8 -6.62 3.23 -37.34
CA LEU C 8 -6.77 2.07 -36.51
C LEU C 8 -5.93 0.83 -36.95
N LYS C 9 -6.00 0.40 -38.22
CA LYS C 9 -5.20 -0.76 -38.62
C LYS C 9 -3.74 -0.56 -38.16
N GLN C 10 -3.12 0.57 -38.53
CA GLN C 10 -1.83 1.03 -38.00
C GLN C 10 -2.07 1.44 -36.56
N HIS C 11 -1.06 1.84 -35.80
CA HIS C 11 -1.27 2.06 -34.34
C HIS C 11 -1.44 0.75 -33.59
N LEU C 12 -2.52 0.04 -33.93
CA LEU C 12 -2.75 -1.29 -33.40
C LEU C 12 -1.64 -2.26 -33.80
N ALA C 13 -1.27 -2.25 -35.08
CA ALA C 13 -0.11 -3.05 -35.57
C ALA C 13 1.15 -2.82 -34.72
N ALA C 14 1.41 -1.56 -34.38
CA ALA C 14 2.50 -1.18 -33.49
C ALA C 14 2.25 -1.53 -32.02
N ILE C 15 1.24 -2.34 -31.73
CA ILE C 15 1.03 -2.80 -30.35
C ILE C 15 1.31 -4.30 -30.24
N LYS C 16 2.45 -4.61 -29.63
CA LYS C 16 2.99 -5.97 -29.58
C LYS C 16 2.51 -6.77 -28.40
N GLU C 17 2.06 -6.09 -27.36
CA GLU C 17 1.75 -6.77 -26.10
C GLU C 17 0.27 -6.63 -25.75
N TYR C 18 -0.19 -7.41 -24.80
CA TYR C 18 -1.60 -7.49 -24.56
C TYR C 18 -2.18 -6.53 -23.57
N TRP C 19 -1.67 -6.39 -22.39
CA TRP C 19 -2.62 -5.63 -21.61
C TRP C 19 -2.25 -4.18 -21.39
N GLN C 20 -1.51 -3.64 -22.36
CA GLN C 20 -0.93 -2.29 -22.30
C GLN C 20 -1.57 -1.36 -23.33
N PRO C 21 -2.43 -0.47 -22.90
CA PRO C 21 -3.08 0.38 -23.91
C PRO C 21 -2.20 1.56 -24.37
N GLU C 22 -2.48 2.08 -25.58
CA GLU C 22 -1.99 3.35 -26.04
C GLU C 22 -3.17 4.33 -25.96
N ILE C 23 -3.03 5.38 -25.14
CA ILE C 23 -4.08 6.40 -24.98
C ILE C 23 -3.79 7.58 -25.95
N ILE C 24 -4.83 8.10 -26.62
CA ILE C 24 -4.70 9.31 -27.47
C ILE C 24 -5.80 10.33 -27.17
N ASN C 25 -5.49 11.61 -27.24
CA ASN C 25 -6.52 12.64 -27.13
C ASN C 25 -6.74 13.52 -28.39
N ARG C 26 -8.00 13.56 -28.80
CA ARG C 26 -8.43 14.53 -29.76
C ARG C 26 -9.58 15.22 -29.07
N HIS C 27 -9.47 16.54 -28.95
CA HIS C 27 -10.51 17.38 -28.39
C HIS C 27 -11.13 16.74 -27.15
N GLY C 28 -12.45 16.65 -27.04
CA GLY C 28 -13.09 16.06 -25.85
C GLY C 28 -13.14 14.52 -25.72
N PHE C 29 -12.49 13.80 -26.64
CA PHE C 29 -12.47 12.36 -26.61
C PHE C 29 -11.10 11.84 -26.31
N GLN C 30 -11.12 10.71 -25.62
CA GLN C 30 -9.94 10.01 -25.29
C GLN C 30 -10.12 8.60 -25.79
N PHE C 31 -9.10 8.11 -26.48
CA PHE C 31 -9.23 6.84 -27.18
C PHE C 31 -8.18 5.94 -26.61
N HIS C 32 -8.57 4.73 -26.22
CA HIS C 32 -7.60 3.76 -25.74
C HIS C 32 -7.59 2.65 -26.73
N LEU C 33 -6.42 2.29 -27.24
CA LEU C 33 -6.30 1.10 -28.10
C LEU C 33 -5.48 0.05 -27.36
N VAL C 34 -5.95 -1.20 -27.35
CA VAL C 34 -5.44 -2.31 -26.52
C VAL C 34 -5.78 -3.62 -27.20
N LYS C 35 -4.90 -4.61 -27.14
CA LYS C 35 -5.33 -5.97 -27.50
C LYS C 35 -5.64 -6.75 -26.23
N LEU C 36 -6.73 -7.53 -26.20
CA LEU C 36 -7.03 -8.40 -25.04
C LEU C 36 -6.84 -9.84 -25.42
N LEU C 37 -6.56 -10.69 -24.45
CA LEU C 37 -6.56 -12.13 -24.66
C LEU C 37 -6.82 -12.70 -23.31
N GLY C 38 -7.87 -13.50 -23.19
CA GLY C 38 -8.30 -13.93 -21.87
C GLY C 38 -8.83 -12.72 -21.18
N ASP C 39 -8.76 -12.71 -19.85
CA ASP C 39 -9.21 -11.53 -19.08
C ASP C 39 -8.22 -10.92 -18.12
N TYR C 40 -8.69 -9.86 -17.48
CA TYR C 40 -7.82 -9.10 -16.65
C TYR C 40 -8.64 -8.51 -15.51
N GLY C 41 -9.73 -9.18 -15.14
CA GLY C 41 -10.44 -8.80 -13.92
C GLY C 41 -11.53 -7.76 -14.00
N TRP C 42 -12.02 -7.31 -12.86
CA TRP C 42 -13.24 -6.48 -12.87
C TRP C 42 -12.93 -5.03 -12.68
N HIS C 43 -13.52 -4.16 -13.49
CA HIS C 43 -13.28 -2.72 -13.39
C HIS C 43 -14.59 -2.01 -13.30
N THR C 44 -14.51 -0.74 -12.90
CA THR C 44 -15.64 0.17 -12.86
C THR C 44 -15.18 1.58 -13.26
N HIS C 45 -15.66 2.07 -14.38
CA HIS C 45 -15.48 3.46 -14.70
C HIS C 45 -16.47 4.27 -13.86
N GLY C 46 -16.01 5.25 -13.08
CA GLY C 46 -16.88 5.90 -12.07
C GLY C 46 -17.55 7.13 -12.59
N TYR C 47 -17.16 7.46 -13.81
CA TYR C 47 -17.17 8.81 -14.31
C TYR C 47 -18.00 8.88 -15.59
N SER C 48 -17.62 8.06 -16.59
CA SER C 48 -18.25 8.17 -17.90
C SER C 48 -18.41 6.83 -18.65
N ASP C 49 -19.54 6.69 -19.34
CA ASP C 49 -19.82 5.51 -20.16
C ASP C 49 -18.70 5.36 -21.16
N LYS C 50 -18.66 4.22 -21.83
CA LYS C 50 -17.58 3.97 -22.77
C LYS C 50 -18.07 3.20 -23.95
N VAL C 51 -17.55 3.57 -25.12
CA VAL C 51 -17.85 2.90 -26.38
C VAL C 51 -16.76 1.88 -26.60
N LEU C 52 -17.18 0.68 -26.96
CA LEU C 52 -16.24 -0.40 -27.14
C LEU C 52 -16.33 -0.85 -28.54
N PHE C 53 -15.22 -0.80 -29.24
CA PHE C 53 -15.35 -1.16 -30.61
C PHE C 53 -14.36 -2.23 -30.96
N ALA C 54 -14.83 -3.35 -31.49
CA ALA C 54 -13.94 -4.48 -31.64
C ALA C 54 -13.43 -4.43 -33.05
N VAL C 55 -12.14 -4.27 -33.18
CA VAL C 55 -11.62 -4.06 -34.50
C VAL C 55 -11.31 -5.35 -35.21
N GLU C 56 -10.75 -6.32 -34.52
CA GLU C 56 -10.31 -7.53 -35.22
C GLU C 56 -10.91 -8.92 -34.75
N GLY C 57 -11.09 -9.12 -33.48
CA GLY C 57 -11.61 -10.42 -33.13
C GLY C 57 -12.91 -10.29 -32.44
N ASP C 58 -13.07 -11.08 -31.39
CA ASP C 58 -14.30 -11.18 -30.70
C ASP C 58 -13.94 -11.12 -29.24
N ALA C 60 -15.89 -10.37 -25.05
CA ALA C 60 -17.13 -10.23 -24.32
C ALA C 60 -16.89 -9.35 -23.12
N VAL C 61 -17.99 -8.95 -22.49
CA VAL C 61 -17.93 -8.17 -21.28
C VAL C 61 -18.93 -8.78 -20.33
N ASP C 62 -18.45 -9.14 -19.13
CA ASP C 62 -19.34 -9.74 -18.14
C ASP C 62 -19.72 -8.62 -17.22
N PHE C 63 -20.95 -8.69 -16.74
CA PHE C 63 -21.47 -7.82 -15.79
C PHE C 63 -21.68 -8.48 -14.42
N ALA C 64 -22.08 -7.68 -13.43
CA ALA C 64 -22.04 -8.11 -12.05
C ALA C 64 -23.36 -8.75 -11.75
N ASP C 65 -24.38 -8.34 -12.47
CA ASP C 65 -25.69 -8.99 -12.39
C ASP C 65 -25.79 -10.36 -13.07
N GLY C 66 -24.71 -10.93 -13.60
CA GLY C 66 -24.82 -12.21 -14.28
C GLY C 66 -24.81 -12.11 -15.79
N GLY C 67 -25.18 -10.91 -16.30
CA GLY C 67 -25.26 -10.60 -17.72
C GLY C 67 -23.94 -10.73 -18.41
N SER C 68 -24.00 -11.14 -19.68
CA SER C 68 -22.87 -11.01 -20.62
C SER C 68 -23.23 -10.35 -21.97
N THR C 70 -21.60 -9.99 -25.99
CA THR C 70 -20.52 -10.34 -26.90
C THR C 70 -20.37 -9.18 -27.81
N ILE C 71 -19.12 -8.76 -28.06
CA ILE C 71 -18.82 -7.87 -29.14
C ILE C 71 -17.98 -8.62 -30.16
N ARG C 72 -18.57 -8.87 -31.32
CA ARG C 72 -17.79 -9.47 -32.39
C ARG C 72 -17.05 -8.44 -33.25
N GLU C 73 -16.10 -8.89 -34.03
CA GLU C 73 -15.48 -8.04 -35.03
C GLU C 73 -16.52 -7.16 -35.79
N GLY C 74 -16.21 -5.87 -35.93
CA GLY C 74 -17.10 -4.89 -36.59
C GLY C 74 -18.30 -4.45 -35.75
N GLU C 75 -18.29 -4.85 -34.48
CA GLU C 75 -19.40 -4.58 -33.59
C GLU C 75 -19.03 -3.50 -32.62
N ALA C 77 -20.45 -1.23 -28.92
CA ALA C 77 -21.38 -1.30 -27.80
C ALA C 77 -20.91 -0.33 -26.76
N VAL C 78 -21.80 0.11 -25.87
CA VAL C 78 -21.46 0.99 -24.80
C VAL C 78 -21.45 0.20 -23.51
N VAL C 79 -20.48 0.51 -22.61
CA VAL C 79 -20.49 0.12 -21.23
C VAL C 79 -20.86 1.27 -20.28
N PRO C 80 -21.93 1.14 -19.58
CA PRO C 80 -22.28 2.37 -18.85
C PRO C 80 -21.35 2.70 -17.67
N LYS C 81 -21.28 3.97 -17.31
CA LYS C 81 -20.63 4.30 -16.04
C LYS C 81 -21.26 3.58 -14.85
N SER C 82 -20.39 3.29 -13.87
CA SER C 82 -20.73 3.04 -12.52
C SER C 82 -21.17 1.61 -12.36
N VAL C 83 -20.74 0.75 -13.28
CA VAL C 83 -21.01 -0.66 -13.15
C VAL C 83 -19.79 -1.49 -13.36
N SER C 84 -19.56 -2.37 -12.38
CA SER C 84 -18.52 -3.32 -12.38
C SER C 84 -18.66 -4.20 -13.63
N HIS C 85 -17.58 -4.50 -14.30
CA HIS C 85 -17.72 -5.34 -15.47
C HIS C 85 -16.34 -5.90 -15.76
N ARG C 86 -16.28 -6.90 -16.62
CA ARG C 86 -14.99 -7.51 -16.90
C ARG C 86 -14.87 -7.88 -18.39
N PRO C 87 -14.04 -7.14 -19.16
CA PRO C 87 -13.75 -7.49 -20.56
C PRO C 87 -12.86 -8.73 -20.62
N ARG C 88 -13.10 -9.56 -21.62
CA ARG C 88 -12.62 -10.93 -21.76
C ARG C 88 -12.48 -11.08 -23.25
N SER C 89 -11.48 -11.83 -23.70
CA SER C 89 -11.51 -12.33 -25.06
C SER C 89 -10.80 -13.64 -25.16
N GLU C 90 -11.50 -14.63 -25.68
CA GLU C 90 -11.00 -15.96 -25.70
C GLU C 90 -9.86 -16.15 -26.69
N ASN C 91 -9.99 -15.61 -27.88
CA ASN C 91 -8.99 -15.84 -28.91
C ASN C 91 -8.25 -14.61 -29.42
N GLY C 92 -8.40 -13.52 -28.67
CA GLY C 92 -7.74 -12.25 -28.99
C GLY C 92 -8.60 -11.29 -29.78
N CYS C 93 -8.41 -9.99 -29.47
CA CYS C 93 -9.28 -8.95 -29.98
C CYS C 93 -8.53 -7.65 -29.80
N SER C 94 -8.39 -6.90 -30.91
CA SER C 94 -7.97 -5.52 -30.93
C SER C 94 -9.12 -4.60 -30.60
N LEU C 95 -8.93 -3.74 -29.61
CA LEU C 95 -10.02 -2.97 -29.05
C LEU C 95 -9.77 -1.46 -29.12
N VAL C 96 -10.76 -0.72 -29.61
CA VAL C 96 -10.78 0.73 -29.39
C VAL C 96 -11.87 1.05 -28.38
N LEU C 97 -11.51 1.87 -27.41
CA LEU C 97 -12.42 2.33 -26.35
C LEU C 97 -12.55 3.82 -26.44
N ILE C 98 -13.77 4.34 -26.34
CA ILE C 98 -13.91 5.77 -26.49
C ILE C 98 -14.47 6.32 -25.20
N GLU C 99 -13.90 7.40 -24.69
CA GLU C 99 -14.51 8.02 -23.55
C GLU C 99 -14.35 9.47 -23.52
N LEU C 100 -15.11 10.07 -22.62
CA LEU C 100 -15.02 11.51 -22.45
C LEU C 100 -13.68 11.79 -21.79
N SER C 101 -13.01 12.81 -22.32
CA SER C 101 -11.78 13.38 -21.78
C SER C 101 -11.98 13.90 -20.33
N GLU D 4 -27.34 -3.96 -25.72
CA GLU D 4 -27.31 -4.54 -27.09
C GLU D 4 -26.19 -4.01 -27.97
N THR D 5 -25.59 -4.91 -28.73
CA THR D 5 -24.50 -4.49 -29.58
C THR D 5 -25.03 -3.95 -30.90
N ILE D 6 -24.31 -3.02 -31.55
CA ILE D 6 -24.57 -2.62 -32.93
C ILE D 6 -23.61 -3.24 -33.97
N ASN D 7 -24.10 -4.05 -34.90
CA ASN D 7 -23.23 -4.47 -35.95
C ASN D 7 -23.20 -3.42 -37.01
N LEU D 8 -22.05 -2.84 -37.19
CA LEU D 8 -21.91 -1.71 -38.06
C LEU D 8 -22.39 -2.02 -39.49
N LYS D 9 -21.90 -3.12 -40.01
CA LYS D 9 -22.13 -3.53 -41.40
C LYS D 9 -23.59 -3.81 -41.79
N GLN D 10 -24.29 -4.49 -40.90
CA GLN D 10 -25.65 -4.90 -41.15
C GLN D 10 -26.52 -3.68 -41.10
N HIS D 11 -26.25 -2.82 -40.12
CA HIS D 11 -26.94 -1.57 -40.05
C HIS D 11 -26.69 -0.69 -41.24
N LEU D 12 -25.45 -0.69 -41.72
CA LEU D 12 -25.11 0.07 -42.91
C LEU D 12 -25.71 -0.50 -44.20
N ALA D 13 -25.75 -1.83 -44.30
CA ALA D 13 -26.36 -2.50 -45.46
C ALA D 13 -27.86 -2.19 -45.58
N ALA D 14 -28.52 -1.97 -44.43
CA ALA D 14 -29.98 -1.80 -44.32
C ALA D 14 -30.42 -0.35 -44.51
N ILE D 15 -29.80 0.35 -45.47
CA ILE D 15 -29.91 1.79 -45.61
C ILE D 15 -29.71 2.07 -47.06
N LYS D 16 -30.78 2.52 -47.70
CA LYS D 16 -30.82 2.71 -49.14
C LYS D 16 -30.34 4.11 -49.59
N GLU D 17 -30.95 5.17 -49.08
CA GLU D 17 -30.63 6.50 -49.57
C GLU D 17 -29.43 7.08 -48.82
N TYR D 18 -29.04 8.32 -49.08
CA TYR D 18 -27.70 8.78 -48.79
C TYR D 18 -27.54 9.85 -47.77
N TRP D 19 -28.42 10.80 -47.64
CA TRP D 19 -28.15 11.68 -46.50
C TRP D 19 -29.21 11.44 -45.43
N GLN D 20 -29.61 10.17 -45.40
CA GLN D 20 -30.57 9.61 -44.46
C GLN D 20 -29.80 8.93 -43.31
N PRO D 21 -29.72 9.61 -42.16
CA PRO D 21 -28.99 9.05 -40.99
C PRO D 21 -29.84 8.03 -40.23
N GLU D 22 -29.21 6.97 -39.72
CA GLU D 22 -29.87 6.02 -38.79
C GLU D 22 -29.42 6.36 -37.36
N ILE D 23 -30.38 6.68 -36.48
CA ILE D 23 -30.15 7.04 -35.05
C ILE D 23 -30.34 5.87 -34.09
N ILE D 24 -29.43 5.78 -33.11
CA ILE D 24 -29.36 4.68 -32.13
C ILE D 24 -28.84 5.30 -30.81
N ASN D 25 -29.44 4.89 -29.68
CA ASN D 25 -29.02 5.37 -28.38
C ASN D 25 -28.59 4.20 -27.52
N ARG D 26 -27.45 4.32 -26.87
CA ARG D 26 -27.03 3.27 -25.97
C ARG D 26 -26.49 4.11 -24.86
N HIS D 27 -27.20 4.05 -23.76
CA HIS D 27 -26.90 4.83 -22.60
C HIS D 27 -26.68 6.28 -23.03
N GLY D 28 -25.77 7.04 -22.40
CA GLY D 28 -25.57 8.45 -22.77
C GLY D 28 -24.92 8.69 -24.12
N PHE D 29 -24.97 7.71 -25.02
CA PHE D 29 -24.36 7.93 -26.32
C PHE D 29 -25.34 7.85 -27.49
N GLN D 30 -25.17 8.71 -28.49
CA GLN D 30 -25.97 8.61 -29.68
C GLN D 30 -25.13 8.29 -30.92
N PHE D 31 -25.60 7.37 -31.76
CA PHE D 31 -24.84 7.09 -32.98
C PHE D 31 -25.67 7.36 -34.20
N HIS D 32 -25.01 7.97 -35.16
CA HIS D 32 -25.55 8.22 -36.49
C HIS D 32 -24.79 7.36 -37.50
N LEU D 33 -25.56 6.58 -38.24
CA LEU D 33 -25.06 5.70 -39.27
C LEU D 33 -25.56 6.33 -40.56
N VAL D 34 -24.65 6.84 -41.40
CA VAL D 34 -25.04 7.52 -42.65
C VAL D 34 -24.12 7.16 -43.75
N LYS D 35 -24.56 7.45 -44.97
CA LYS D 35 -23.68 7.36 -46.12
C LYS D 35 -23.44 8.71 -46.75
N LEU D 36 -22.19 9.16 -46.86
CA LEU D 36 -21.90 10.42 -47.54
C LEU D 36 -21.55 10.25 -49.04
N LEU D 37 -22.12 11.12 -49.89
CA LEU D 37 -21.75 11.23 -51.28
C LEU D 37 -21.71 12.68 -51.65
N GLY D 38 -20.59 13.08 -52.26
CA GLY D 38 -20.40 14.44 -52.72
C GLY D 38 -20.58 15.40 -51.58
N ASP D 39 -21.75 16.04 -51.53
CA ASP D 39 -21.82 17.18 -50.67
C ASP D 39 -23.15 17.64 -50.16
N TYR D 40 -23.14 18.17 -48.94
CA TYR D 40 -24.36 18.71 -48.32
C TYR D 40 -24.12 20.01 -47.49
N GLY D 41 -22.96 20.60 -47.65
CA GLY D 41 -22.73 21.93 -47.12
C GLY D 41 -22.10 22.05 -45.74
N TRP D 42 -22.41 23.18 -45.09
CA TRP D 42 -21.72 23.62 -43.89
C TRP D 42 -22.63 23.41 -42.74
N HIS D 43 -22.08 22.92 -41.61
CA HIS D 43 -22.78 22.61 -40.36
C HIS D 43 -21.91 23.03 -39.21
N THR D 44 -22.49 23.30 -38.02
CA THR D 44 -21.67 23.51 -36.78
C THR D 44 -21.61 22.50 -35.54
N HIS D 45 -22.74 22.01 -35.01
CA HIS D 45 -22.81 21.18 -33.72
C HIS D 45 -22.48 21.94 -32.46
N GLY D 46 -23.43 22.06 -31.54
CA GLY D 46 -23.17 22.81 -30.30
C GLY D 46 -23.08 22.09 -28.96
N TYR D 47 -23.57 20.85 -28.89
CA TYR D 47 -23.48 20.10 -27.63
C TYR D 47 -22.31 19.10 -27.58
N SER D 48 -21.89 18.51 -28.69
CA SER D 48 -20.82 17.57 -28.49
C SER D 48 -19.82 17.57 -29.61
N ASP D 49 -18.56 17.56 -29.21
CA ASP D 49 -17.56 17.09 -30.16
C ASP D 49 -18.15 15.85 -30.85
N LYS D 50 -17.78 15.57 -32.08
CA LYS D 50 -18.23 14.28 -32.56
C LYS D 50 -17.12 13.31 -33.00
N VAL D 51 -17.25 12.02 -32.77
CA VAL D 51 -16.25 11.07 -33.26
C VAL D 51 -16.73 10.71 -34.68
N LEU D 52 -15.94 10.86 -35.70
CA LEU D 52 -16.38 10.32 -37.01
C LEU D 52 -15.61 9.05 -37.35
N PHE D 53 -16.30 7.95 -37.63
CA PHE D 53 -15.55 6.73 -37.95
C PHE D 53 -15.83 6.31 -39.35
N ALA D 54 -14.80 6.29 -40.18
CA ALA D 54 -15.01 5.95 -41.61
C ALA D 54 -15.10 4.51 -41.73
N VAL D 55 -16.31 3.99 -41.80
CA VAL D 55 -16.42 2.55 -41.94
C VAL D 55 -16.04 2.01 -43.33
N GLU D 56 -16.63 2.51 -44.39
CA GLU D 56 -16.58 1.78 -45.68
C GLU D 56 -15.80 2.37 -46.83
N GLY D 57 -15.86 3.69 -47.02
CA GLY D 57 -15.00 4.30 -48.00
C GLY D 57 -14.24 5.49 -47.44
N ASP D 58 -14.19 6.60 -48.18
CA ASP D 58 -13.30 7.69 -47.86
C ASP D 58 -14.02 9.03 -47.73
N ALA D 60 -13.61 13.59 -46.36
CA ALA D 60 -12.90 14.66 -45.72
C ALA D 60 -13.86 15.69 -45.11
N VAL D 61 -13.27 16.54 -44.28
CA VAL D 61 -14.02 17.53 -43.59
C VAL D 61 -13.29 18.87 -43.75
N ASP D 62 -13.84 19.76 -44.57
CA ASP D 62 -13.27 21.06 -44.75
C ASP D 62 -13.60 21.97 -43.52
N PHE D 63 -12.73 22.96 -43.26
CA PHE D 63 -13.01 23.95 -42.22
C PHE D 63 -13.01 25.37 -42.79
N ALA D 64 -13.69 26.25 -42.04
CA ALA D 64 -13.74 27.68 -42.32
C ALA D 64 -12.31 28.22 -42.52
N ASP D 65 -11.36 27.76 -41.71
CA ASP D 65 -9.96 28.17 -41.91
C ASP D 65 -9.37 27.67 -43.26
N GLY D 66 -10.01 26.71 -43.93
CA GLY D 66 -9.61 26.40 -45.30
C GLY D 66 -8.74 25.17 -45.31
N GLY D 67 -8.34 24.78 -44.11
CA GLY D 67 -7.76 23.46 -43.93
C GLY D 67 -8.76 22.32 -44.17
N SER D 68 -8.22 21.12 -44.34
CA SER D 68 -9.03 19.96 -44.67
C SER D 68 -8.45 18.64 -44.13
N THR D 70 -8.47 14.77 -43.97
CA THR D 70 -8.86 13.56 -44.67
C THR D 70 -9.13 12.45 -43.66
N ILE D 71 -10.25 11.76 -43.83
CA ILE D 71 -10.54 10.53 -43.06
C ILE D 71 -10.59 9.31 -43.99
N ARG D 72 -9.59 8.46 -43.92
CA ARG D 72 -9.66 7.26 -44.75
C ARG D 72 -10.40 6.09 -44.09
N GLU D 73 -10.93 5.17 -44.90
CA GLU D 73 -11.44 3.88 -44.41
C GLU D 73 -10.61 3.32 -43.27
N GLY D 74 -11.29 2.92 -42.19
CA GLY D 74 -10.65 2.35 -41.00
C GLY D 74 -10.06 3.42 -40.10
N GLU D 75 -10.37 4.69 -40.42
CA GLU D 75 -9.81 5.85 -39.69
C GLU D 75 -10.85 6.53 -38.84
N ALA D 77 -11.73 10.13 -36.45
CA ALA D 77 -11.42 11.54 -36.21
C ALA D 77 -12.48 12.21 -35.34
N VAL D 78 -12.16 13.41 -34.84
CA VAL D 78 -13.12 14.19 -34.05
C VAL D 78 -13.50 15.53 -34.67
N VAL D 79 -14.74 15.97 -34.51
CA VAL D 79 -15.09 17.28 -34.90
C VAL D 79 -15.62 18.09 -33.70
N PRO D 80 -14.80 19.03 -33.27
CA PRO D 80 -15.09 19.80 -32.08
C PRO D 80 -16.43 20.55 -32.20
N LYS D 81 -17.10 20.77 -31.08
CA LYS D 81 -18.19 21.74 -30.97
C LYS D 81 -17.88 23.05 -31.69
N SER D 82 -18.94 23.64 -32.24
CA SER D 82 -19.02 25.03 -32.62
C SER D 82 -17.98 25.38 -33.64
N VAL D 83 -17.73 24.49 -34.56
CA VAL D 83 -16.81 24.82 -35.59
C VAL D 83 -17.60 24.64 -36.89
N SER D 84 -17.58 25.65 -37.76
CA SER D 84 -18.14 25.52 -39.07
C SER D 84 -17.27 24.56 -39.83
N HIS D 85 -17.86 23.60 -40.52
CA HIS D 85 -17.08 22.58 -41.20
C HIS D 85 -17.96 21.90 -42.22
N ARG D 86 -17.36 21.28 -43.20
CA ARG D 86 -18.11 20.69 -44.30
C ARG D 86 -17.69 19.25 -44.55
N PRO D 87 -18.53 18.30 -44.13
CA PRO D 87 -18.26 16.89 -44.36
C PRO D 87 -18.55 16.58 -45.81
N ARG D 88 -17.62 15.92 -46.49
CA ARG D 88 -17.87 15.61 -47.88
C ARG D 88 -17.18 14.34 -48.23
N SER D 89 -17.72 13.67 -49.23
CA SER D 89 -17.10 12.46 -49.75
C SER D 89 -17.04 12.47 -51.29
N GLU D 90 -15.89 12.75 -51.85
CA GLU D 90 -15.68 12.62 -53.29
C GLU D 90 -16.33 11.35 -53.89
N ASN D 91 -15.99 10.18 -53.39
CA ASN D 91 -16.55 8.97 -53.98
C ASN D 91 -17.64 8.20 -53.21
N GLY D 92 -17.96 8.63 -51.99
CA GLY D 92 -18.88 7.88 -51.14
C GLY D 92 -18.25 7.20 -49.93
N CYS D 93 -18.92 7.37 -48.80
CA CYS D 93 -18.43 6.92 -47.49
C CYS D 93 -19.62 6.37 -46.70
N SER D 94 -19.40 5.26 -45.99
CA SER D 94 -20.32 4.86 -44.93
C SER D 94 -19.71 5.21 -43.57
N LEU D 95 -20.40 6.08 -42.83
CA LEU D 95 -19.93 6.77 -41.62
C LEU D 95 -20.72 6.39 -40.34
N VAL D 96 -19.98 6.16 -39.24
CA VAL D 96 -20.61 6.21 -37.94
C VAL D 96 -20.08 7.41 -37.23
N LEU D 97 -21.00 8.19 -36.68
CA LEU D 97 -20.65 9.38 -35.94
C LEU D 97 -21.02 9.02 -34.51
N ILE D 98 -20.18 9.35 -33.53
CA ILE D 98 -20.55 9.04 -32.18
C ILE D 98 -20.77 10.36 -31.43
N GLU D 99 -21.85 10.50 -30.69
CA GLU D 99 -21.85 11.66 -29.85
C GLU D 99 -22.58 11.49 -28.56
N LEU D 100 -22.64 12.59 -27.83
CA LEU D 100 -23.36 12.70 -26.57
C LEU D 100 -24.89 12.74 -26.56
N SER D 101 -25.45 13.53 -25.64
CA SER D 101 -26.88 13.53 -25.33
C SER D 101 -27.10 14.70 -24.42
N ASP D 102 -27.97 14.65 -23.41
CA ASP D 102 -28.25 15.87 -22.62
C ASP D 102 -27.88 15.75 -21.14
N GLU E 4 29.11 -7.95 35.25
CA GLU E 4 29.71 -8.88 34.26
C GLU E 4 28.77 -10.00 33.74
N THR E 5 29.15 -10.56 32.58
CA THR E 5 28.41 -11.64 31.95
C THR E 5 28.80 -13.01 32.56
N ILE E 6 27.84 -13.95 32.65
CA ILE E 6 28.09 -15.31 33.07
C ILE E 6 28.07 -16.29 31.88
N ASN E 7 29.22 -16.83 31.48
CA ASN E 7 29.19 -17.91 30.47
C ASN E 7 28.77 -19.14 31.17
N LEU E 8 27.49 -19.47 30.99
CA LEU E 8 26.79 -20.47 31.75
C LEU E 8 27.41 -21.80 31.51
N LYS E 9 27.55 -22.15 30.23
CA LYS E 9 28.13 -23.40 29.76
C LYS E 9 29.55 -23.58 30.36
N GLN E 10 30.34 -22.50 30.33
CA GLN E 10 31.68 -22.51 30.91
C GLN E 10 31.67 -22.70 32.39
N HIS E 11 30.80 -21.98 33.08
CA HIS E 11 30.74 -22.11 34.52
C HIS E 11 30.39 -23.51 34.91
N LEU E 12 29.50 -24.10 34.14
CA LEU E 12 29.02 -25.43 34.36
C LEU E 12 30.03 -26.51 34.06
N ALA E 13 30.87 -26.37 33.05
CA ALA E 13 31.87 -27.42 32.83
C ALA E 13 32.86 -27.48 34.01
N ALA E 14 33.08 -26.36 34.69
CA ALA E 14 33.95 -26.35 35.85
C ALA E 14 33.34 -27.06 37.05
N ILE E 15 32.02 -27.12 37.16
CA ILE E 15 31.39 -27.89 38.25
C ILE E 15 31.34 -29.42 38.00
N LYS E 16 32.01 -30.18 38.87
CA LYS E 16 32.30 -31.61 38.64
C LYS E 16 31.52 -32.50 39.60
N GLU E 17 30.67 -31.89 40.41
CA GLU E 17 29.90 -32.60 41.39
C GLU E 17 28.48 -32.18 41.29
N TYR E 18 27.58 -33.12 41.51
CA TYR E 18 26.17 -32.84 41.63
C TYR E 18 25.73 -32.22 42.95
N TRP E 19 24.60 -31.54 42.93
CA TRP E 19 23.98 -31.04 44.16
C TRP E 19 24.96 -30.17 44.89
N GLN E 20 25.86 -29.56 44.12
CA GLN E 20 26.85 -28.63 44.65
C GLN E 20 26.80 -27.28 43.92
N PRO E 21 25.94 -26.37 44.43
CA PRO E 21 25.72 -25.09 43.73
C PRO E 21 26.96 -24.16 43.68
N GLU E 22 27.13 -23.44 42.59
CA GLU E 22 28.08 -22.34 42.55
C GLU E 22 27.17 -21.11 42.63
N ILE E 23 27.39 -20.20 43.58
CA ILE E 23 26.53 -19.02 43.69
C ILE E 23 27.19 -17.78 43.13
N ILE E 24 26.45 -16.96 42.38
CA ILE E 24 26.99 -15.74 41.72
C ILE E 24 25.99 -14.61 41.82
N ASN E 25 26.41 -13.50 42.42
CA ASN E 25 25.64 -12.24 42.38
C ASN E 25 25.96 -11.24 41.23
N ARG E 26 24.91 -10.72 40.61
CA ARG E 26 25.02 -9.63 39.64
C ARG E 26 23.83 -8.74 39.94
N HIS E 27 24.14 -7.63 40.64
CA HIS E 27 23.17 -6.64 41.17
C HIS E 27 22.08 -7.29 41.99
N GLY E 28 20.81 -6.90 41.79
CA GLY E 28 19.68 -7.42 42.57
C GLY E 28 19.25 -8.83 42.26
N PHE E 29 20.19 -9.63 41.77
CA PHE E 29 19.89 -11.02 41.39
C PHE E 29 20.90 -11.99 41.89
N GLN E 30 20.42 -13.17 42.21
CA GLN E 30 21.31 -14.21 42.59
C GLN E 30 21.18 -15.40 41.65
N PHE E 31 22.31 -15.88 41.14
CA PHE E 31 22.26 -17.04 40.24
C PHE E 31 22.98 -18.25 40.86
N HIS E 32 22.51 -19.46 40.50
CA HIS E 32 22.86 -20.74 41.15
C HIS E 32 23.16 -21.73 40.00
N LEU E 33 24.36 -22.27 39.98
CA LEU E 33 24.69 -23.18 38.91
C LEU E 33 24.98 -24.51 39.60
N VAL E 34 24.11 -25.47 39.32
CA VAL E 34 24.10 -26.74 39.93
C VAL E 34 23.83 -27.89 38.87
N LYS E 35 24.36 -29.09 39.13
CA LYS E 35 23.97 -30.27 38.35
C LYS E 35 23.17 -31.22 39.21
N LEU E 36 22.08 -31.78 38.65
CA LEU E 36 21.11 -32.62 39.34
C LEU E 36 21.07 -33.99 38.68
N LEU E 37 21.09 -35.01 39.55
CA LEU E 37 20.87 -36.36 39.12
C LEU E 37 20.10 -36.91 40.26
N GLY E 38 19.07 -37.73 39.99
CA GLY E 38 18.23 -38.25 41.08
C GLY E 38 17.45 -37.16 41.73
N ASP E 39 17.28 -37.20 43.04
CA ASP E 39 16.68 -36.05 43.75
C ASP E 39 17.21 -35.87 45.14
N TYR E 40 16.72 -34.84 45.84
CA TYR E 40 17.04 -34.69 47.23
C TYR E 40 15.85 -34.37 48.07
N GLY E 41 14.67 -34.97 47.84
CA GLY E 41 13.55 -34.66 48.68
C GLY E 41 12.81 -33.34 48.50
N TRP E 42 12.03 -32.95 49.49
CA TRP E 42 11.10 -31.85 49.36
C TRP E 42 11.74 -30.72 49.98
N HIS E 43 11.70 -29.53 49.35
CA HIS E 43 12.23 -28.27 49.87
C HIS E 43 11.17 -27.24 49.64
N THR E 44 11.22 -26.13 50.39
CA THR E 44 10.37 -24.92 50.25
C THR E 44 11.24 -23.63 50.21
N HIS E 45 10.97 -22.70 49.28
CA HIS E 45 11.79 -21.52 49.10
C HIS E 45 11.25 -20.33 49.87
N TYR E 47 11.12 -17.35 50.80
CA TYR E 47 11.59 -15.98 50.56
C TYR E 47 11.38 -15.45 49.13
N SER E 48 11.48 -16.31 48.13
CA SER E 48 11.46 -15.80 46.76
C SER E 48 11.07 -16.87 45.75
N ASP E 49 10.30 -16.46 44.74
CA ASP E 49 10.01 -17.25 43.54
C ASP E 49 11.38 -17.44 42.91
N LYS E 50 11.54 -18.45 42.06
CA LYS E 50 12.80 -18.70 41.41
C LYS E 50 12.58 -19.13 39.97
N VAL E 51 13.37 -18.60 39.07
CA VAL E 51 13.39 -19.09 37.71
C VAL E 51 14.37 -20.28 37.58
N LEU E 52 13.88 -21.34 36.99
CA LEU E 52 14.72 -22.50 36.75
C LEU E 52 14.94 -22.58 35.26
N PHE E 53 16.18 -22.70 34.83
CA PHE E 53 16.51 -22.84 33.41
C PHE E 53 17.38 -24.07 33.23
N ALA E 54 16.97 -24.95 32.33
CA ALA E 54 17.63 -26.21 32.06
C ALA E 54 18.61 -26.09 30.88
N VAL E 55 19.89 -26.07 31.23
CA VAL E 55 20.96 -25.85 30.31
C VAL E 55 21.43 -27.07 29.51
N GLU E 56 21.91 -28.16 30.15
CA GLU E 56 22.08 -29.45 29.44
C GLU E 56 21.10 -30.34 30.11
N GLY E 57 20.37 -31.10 29.30
CA GLY E 57 19.47 -32.17 29.73
C GLY E 57 18.15 -31.77 30.39
N ASP E 58 17.48 -32.76 30.96
CA ASP E 58 16.09 -32.66 31.38
C ASP E 58 15.94 -32.76 32.88
N ALA E 60 12.61 -32.49 36.21
CA ALA E 60 11.23 -32.27 36.53
C ALA E 60 11.10 -31.72 37.95
N VAL E 61 9.89 -31.29 38.30
CA VAL E 61 9.60 -30.77 39.69
C VAL E 61 8.21 -31.21 40.08
N ASP E 62 8.09 -31.95 41.19
CA ASP E 62 6.81 -32.43 41.68
C ASP E 62 6.29 -31.41 42.70
N PHE E 63 4.98 -31.30 42.85
CA PHE E 63 4.49 -30.46 43.91
C PHE E 63 3.71 -31.25 44.94
N ALA E 64 3.72 -30.66 46.13
CA ALA E 64 3.03 -31.13 47.30
C ALA E 64 1.58 -31.42 46.95
N ASP E 65 1.03 -30.62 46.04
CA ASP E 65 -0.38 -30.67 45.75
C ASP E 65 -0.74 -31.73 44.72
N GLY E 66 0.26 -32.48 44.27
CA GLY E 66 0.03 -33.48 43.25
C GLY E 66 0.61 -33.23 41.88
N GLY E 67 0.74 -31.97 41.44
CA GLY E 67 1.18 -31.73 40.08
C GLY E 67 2.59 -32.15 39.70
N SER E 68 2.90 -32.12 38.41
CA SER E 68 4.31 -32.13 37.97
C SER E 68 4.58 -31.23 36.76
N THR E 70 7.55 -30.94 33.89
CA THR E 70 8.75 -31.35 33.23
C THR E 70 9.47 -30.10 32.67
N ILE E 71 10.78 -29.95 32.87
CA ILE E 71 11.56 -28.90 32.22
C ILE E 71 12.66 -29.50 31.35
N ARG E 72 12.60 -29.24 30.06
CA ARG E 72 13.52 -29.89 29.14
C ARG E 72 14.70 -28.96 28.83
N GLU E 73 15.80 -29.53 28.35
CA GLU E 73 16.89 -28.67 27.91
C GLU E 73 16.33 -27.49 27.13
N GLY E 74 16.64 -26.29 27.55
CA GLY E 74 16.23 -25.15 26.76
C GLY E 74 14.91 -24.55 27.18
N GLU E 75 14.37 -25.06 28.29
CA GLU E 75 13.13 -24.53 28.78
C GLU E 75 13.37 -23.81 30.06
N ALA E 77 11.12 -22.16 33.66
CA ALA E 77 9.86 -22.26 34.43
C ALA E 77 10.10 -21.64 35.77
N VAL E 78 9.05 -21.23 36.48
CA VAL E 78 9.27 -20.71 37.81
C VAL E 78 8.74 -21.66 38.87
N VAL E 79 9.25 -21.56 40.11
CA VAL E 79 8.73 -22.32 41.28
C VAL E 79 8.35 -21.37 42.42
N PRO E 80 7.04 -21.25 42.74
CA PRO E 80 6.75 -20.13 43.67
C PRO E 80 7.37 -20.37 45.02
N LYS E 81 7.60 -19.26 45.68
CA LYS E 81 7.97 -19.29 47.06
C LYS E 81 6.79 -19.96 47.78
N SER E 82 7.14 -20.85 48.74
CA SER E 82 6.22 -21.31 49.82
C SER E 82 5.35 -22.50 49.47
N VAL E 83 5.82 -23.28 48.52
CA VAL E 83 5.12 -24.44 48.13
C VAL E 83 6.21 -25.52 48.08
N SER E 84 5.91 -26.63 48.74
CA SER E 84 6.80 -27.77 48.84
C SER E 84 6.95 -28.37 47.45
N HIS E 85 8.17 -28.75 47.09
CA HIS E 85 8.45 -29.25 45.75
C HIS E 85 9.73 -30.05 45.71
N ARG E 86 9.84 -30.87 44.68
CA ARG E 86 10.91 -31.79 44.66
C ARG E 86 11.53 -31.86 43.29
N PRO E 87 12.59 -31.10 43.13
CA PRO E 87 13.33 -31.04 41.88
C PRO E 87 13.94 -32.36 41.64
N ARG E 88 13.97 -32.86 40.44
CA ARG E 88 14.66 -34.17 40.29
C ARG E 88 15.06 -34.35 38.87
N SER E 89 15.87 -35.39 38.55
CA SER E 89 16.35 -35.59 37.20
C SER E 89 16.78 -37.02 36.91
N GLU E 90 16.20 -37.65 35.91
CA GLU E 90 16.43 -39.02 35.62
C GLU E 90 17.87 -39.21 35.30
N ASN E 91 18.29 -38.59 34.21
CA ASN E 91 19.61 -38.77 33.76
C ASN E 91 20.61 -37.62 33.88
N GLY E 92 20.40 -36.63 34.76
CA GLY E 92 21.40 -35.60 34.82
C GLY E 92 20.95 -34.30 34.13
N CYS E 93 21.12 -33.17 34.81
CA CYS E 93 20.64 -31.91 34.31
C CYS E 93 21.55 -30.79 34.84
N SER E 94 21.88 -29.83 33.96
CA SER E 94 22.64 -28.65 34.23
C SER E 94 21.63 -27.51 34.39
N LEU E 95 21.36 -27.13 35.62
CA LEU E 95 20.32 -26.15 35.83
C LEU E 95 20.92 -24.81 36.16
N VAL E 96 20.38 -23.73 35.58
CA VAL E 96 20.57 -22.42 36.19
C VAL E 96 19.32 -21.91 36.92
N LEU E 97 19.52 -21.43 38.11
CA LEU E 97 18.45 -20.99 38.97
C LEU E 97 18.63 -19.52 39.27
N ILE E 98 17.53 -18.77 39.27
CA ILE E 98 17.60 -17.33 39.32
C ILE E 98 16.68 -16.85 40.37
N GLU E 99 17.18 -16.07 41.32
CA GLU E 99 16.38 -15.42 42.37
C GLU E 99 16.91 -14.02 42.65
N LEU E 100 16.06 -13.15 43.20
CA LEU E 100 16.56 -11.86 43.68
C LEU E 100 17.51 -12.12 44.89
N SER E 101 18.57 -11.33 45.03
CA SER E 101 19.46 -11.42 46.19
C SER E 101 18.88 -10.71 47.45
N GLU F 4 3.24 -23.84 34.03
CA GLU F 4 3.76 -24.32 32.72
C GLU F 4 5.14 -23.76 32.32
N THR F 5 5.89 -24.61 31.63
CA THR F 5 7.21 -24.32 31.15
C THR F 5 7.06 -23.40 29.94
N ILE F 6 8.15 -22.75 29.54
CA ILE F 6 8.20 -21.88 28.43
C ILE F 6 9.25 -22.49 27.50
N ASN F 7 8.88 -23.19 26.44
CA ASN F 7 9.95 -23.62 25.51
C ASN F 7 10.57 -22.45 24.71
N LEU F 8 11.83 -22.10 25.00
CA LEU F 8 12.38 -20.84 24.50
C LEU F 8 12.49 -20.94 23.02
N LYS F 9 13.17 -21.99 22.55
CA LYS F 9 13.34 -22.28 21.12
C LYS F 9 12.06 -22.04 20.29
N GLN F 10 11.01 -22.82 20.59
CA GLN F 10 9.78 -22.78 19.79
C GLN F 10 9.13 -21.40 19.84
N HIS F 11 9.09 -20.84 21.04
CA HIS F 11 8.46 -19.55 21.28
C HIS F 11 9.07 -18.40 20.49
N LEU F 12 10.36 -18.58 20.18
CA LEU F 12 11.15 -17.59 19.51
C LEU F 12 11.03 -17.72 18.01
N ALA F 13 11.07 -18.97 17.52
CA ALA F 13 10.83 -19.33 16.12
C ALA F 13 9.54 -18.67 15.58
N ALA F 14 8.50 -18.70 16.42
CA ALA F 14 7.20 -18.08 16.17
C ALA F 14 7.24 -16.56 16.13
N ILE F 15 8.39 -15.96 16.45
CA ILE F 15 8.48 -14.53 16.31
C ILE F 15 9.39 -14.09 15.15
N LYS F 16 8.75 -13.63 14.08
CA LYS F 16 9.40 -13.41 12.79
C LYS F 16 9.73 -11.94 12.57
N GLU F 17 10.11 -11.25 13.62
CA GLU F 17 10.20 -9.83 13.54
C GLU F 17 10.98 -9.19 14.70
N TYR F 18 11.80 -8.18 14.38
CA TYR F 18 12.68 -7.59 15.38
C TYR F 18 12.01 -6.54 16.17
N TRP F 19 12.47 -6.33 17.39
CA TRP F 19 11.95 -5.30 18.28
C TRP F 19 10.45 -5.41 18.61
N GLN F 20 9.96 -6.63 18.65
CA GLN F 20 8.59 -6.95 19.03
C GLN F 20 8.55 -7.97 20.15
N PRO F 21 8.46 -7.51 21.39
CA PRO F 21 8.48 -8.49 22.49
C PRO F 21 7.21 -9.32 22.58
N GLU F 22 7.34 -10.63 22.77
CA GLU F 22 6.29 -11.44 23.35
C GLU F 22 6.46 -11.34 24.89
N ILE F 23 5.41 -10.92 25.58
CA ILE F 23 5.48 -10.87 27.04
C ILE F 23 4.77 -12.07 27.74
N ILE F 24 5.49 -12.79 28.58
CA ILE F 24 4.88 -13.83 29.39
C ILE F 24 4.99 -13.62 30.94
N ASN F 25 3.92 -13.94 31.67
CA ASN F 25 3.99 -14.00 33.14
C ASN F 25 3.82 -15.36 33.82
N ARG F 26 4.73 -15.62 34.76
CA ARG F 26 4.71 -16.80 35.64
C ARG F 26 4.96 -16.34 37.08
N HIS F 27 3.95 -16.46 37.92
CA HIS F 27 4.07 -15.93 39.27
C HIS F 27 4.63 -14.55 39.20
N GLY F 28 5.58 -14.23 40.06
CA GLY F 28 6.02 -12.85 40.16
C GLY F 28 7.13 -12.51 39.21
N PHE F 29 7.13 -13.15 38.05
CA PHE F 29 8.19 -12.94 37.08
C PHE F 29 7.58 -12.63 35.76
N GLN F 30 8.15 -11.64 35.10
CA GLN F 30 7.78 -11.29 33.76
C GLN F 30 8.94 -11.60 32.81
N PHE F 31 8.57 -12.21 31.68
CA PHE F 31 9.56 -12.60 30.68
C PHE F 31 9.26 -11.87 29.38
N HIS F 32 10.29 -11.32 28.74
CA HIS F 32 10.17 -10.77 27.39
C HIS F 32 10.98 -11.63 26.43
N LEU F 33 10.41 -12.07 25.31
CA LEU F 33 11.21 -12.60 24.22
C LEU F 33 11.13 -11.62 23.03
N VAL F 34 12.31 -11.07 22.67
CA VAL F 34 12.51 -10.16 21.56
C VAL F 34 13.65 -10.67 20.75
N LYS F 35 13.67 -10.27 19.47
CA LYS F 35 14.84 -10.40 18.63
C LYS F 35 15.39 -9.02 18.32
N LEU F 36 16.68 -8.79 18.54
CA LEU F 36 17.36 -7.52 18.27
C LEU F 36 18.33 -7.66 17.12
N LEU F 37 18.24 -6.65 16.22
CA LEU F 37 19.23 -6.41 15.18
C LEU F 37 19.40 -4.89 15.17
N GLY F 38 20.57 -4.38 14.75
CA GLY F 38 20.85 -2.95 14.84
C GLY F 38 20.55 -2.47 16.25
N ASP F 39 19.98 -1.28 16.37
CA ASP F 39 19.56 -0.73 17.65
C ASP F 39 18.38 0.21 17.53
N TYR F 40 17.77 0.52 18.67
CA TYR F 40 16.58 1.38 18.71
C TYR F 40 16.54 2.29 19.93
N GLY F 41 17.64 2.99 20.24
CA GLY F 41 17.63 4.02 21.31
C GLY F 41 18.09 3.63 22.70
N TRP F 42 17.85 4.50 23.68
CA TRP F 42 18.24 4.30 25.08
C TRP F 42 16.99 4.08 25.90
N HIS F 43 17.02 3.10 26.82
CA HIS F 43 15.89 2.86 27.73
C HIS F 43 16.36 2.86 29.15
N THR F 44 15.41 2.82 30.08
CA THR F 44 15.84 2.92 31.48
C THR F 44 15.57 1.74 32.51
N HIS F 45 14.31 1.25 32.60
CA HIS F 45 13.76 0.21 33.56
C HIS F 45 13.52 0.86 34.88
N GLY F 46 12.25 1.01 35.23
CA GLY F 46 11.95 1.80 36.42
C GLY F 46 11.86 0.87 37.61
N TYR F 47 11.33 -0.33 37.37
CA TYR F 47 10.77 -1.08 38.48
C TYR F 47 11.75 -2.07 39.13
N SER F 48 12.39 -2.91 38.30
CA SER F 48 13.36 -3.90 38.80
C SER F 48 14.50 -4.17 37.79
N ASP F 49 15.63 -4.74 38.25
CA ASP F 49 16.76 -4.99 37.34
C ASP F 49 16.29 -5.97 36.26
N LYS F 50 16.91 -6.00 35.10
CA LYS F 50 16.53 -7.11 34.21
C LYS F 50 17.66 -8.06 34.03
N VAL F 51 17.33 -9.32 33.91
CA VAL F 51 18.33 -10.28 33.52
C VAL F 51 18.23 -10.34 32.03
N LEU F 52 19.36 -10.36 31.35
CA LEU F 52 19.34 -10.52 29.90
C LEU F 52 20.00 -11.81 29.57
N PHE F 53 19.32 -12.62 28.80
CA PHE F 53 19.90 -13.91 28.41
C PHE F 53 19.82 -14.04 26.94
N ALA F 54 20.92 -14.46 26.34
CA ALA F 54 21.02 -14.35 24.91
C ALA F 54 20.99 -15.73 24.37
N VAL F 55 19.81 -16.08 23.88
CA VAL F 55 19.61 -17.47 23.54
C VAL F 55 20.27 -17.87 22.19
N GLU F 56 20.42 -16.93 21.27
CA GLU F 56 21.03 -17.24 19.96
C GLU F 56 21.55 -15.92 19.43
N GLY F 57 22.77 -15.96 18.92
CA GLY F 57 23.53 -14.79 18.55
C GLY F 57 24.06 -13.97 19.72
N ASP F 58 24.48 -12.76 19.39
CA ASP F 58 25.29 -11.94 20.27
C ASP F 58 24.72 -10.56 20.32
N ALA F 60 25.15 -6.48 22.61
CA ALA F 60 25.89 -5.68 23.54
C ALA F 60 24.95 -4.68 24.17
N VAL F 61 25.41 -4.00 25.24
CA VAL F 61 24.65 -2.94 25.88
C VAL F 61 25.59 -1.82 26.20
N ASP F 62 25.20 -0.64 25.76
CA ASP F 62 25.98 0.57 25.88
C ASP F 62 25.43 1.34 27.06
N PHE F 63 26.33 2.00 27.78
CA PHE F 63 25.95 2.89 28.87
C PHE F 63 26.26 4.32 28.49
N ALA F 64 25.49 5.22 29.03
CA ALA F 64 25.62 6.62 28.75
C ALA F 64 27.03 7.22 29.10
N ASP F 65 27.78 6.52 29.96
CA ASP F 65 29.14 6.89 30.28
C ASP F 65 30.19 6.23 29.35
N GLY F 66 29.78 5.46 28.35
CA GLY F 66 30.76 4.93 27.38
C GLY F 66 31.14 3.46 27.48
N GLY F 67 31.01 2.86 28.65
CA GLY F 67 31.19 1.41 28.76
C GLY F 67 30.22 0.58 27.93
N SER F 68 30.69 -0.54 27.43
CA SER F 68 29.82 -1.44 26.69
C SER F 68 29.95 -2.82 27.24
N THR F 70 29.30 -6.55 26.35
CA THR F 70 28.99 -7.62 25.38
C THR F 70 28.35 -8.84 26.07
N ILE F 71 27.38 -9.45 25.39
CA ILE F 71 26.76 -10.66 25.90
C ILE F 71 26.77 -11.64 24.78
N ARG F 72 27.58 -12.70 24.89
CA ARG F 72 27.58 -13.73 23.82
C ARG F 72 26.42 -14.70 23.99
N GLU F 73 26.11 -15.45 22.93
CA GLU F 73 25.11 -16.50 22.94
C GLU F 73 25.43 -17.43 24.07
N GLY F 74 24.43 -17.68 24.88
CA GLY F 74 24.66 -18.59 25.98
C GLY F 74 25.17 -17.88 27.21
N GLU F 75 25.23 -16.56 27.21
CA GLU F 75 25.63 -15.86 28.43
C GLU F 75 24.46 -15.10 29.04
N ALA F 77 23.41 -11.73 31.68
CA ALA F 77 23.85 -10.56 32.41
C ALA F 77 22.70 -9.70 32.96
N VAL F 78 22.99 -8.83 33.92
CA VAL F 78 21.99 -7.96 34.49
C VAL F 78 22.22 -6.51 34.13
N VAL F 79 21.22 -5.86 33.54
CA VAL F 79 21.22 -4.43 33.49
C VAL F 79 20.44 -3.94 34.73
N PRO F 80 21.06 -3.06 35.52
CA PRO F 80 20.31 -2.44 36.62
C PRO F 80 19.09 -1.57 36.20
N LYS F 81 18.13 -1.47 37.12
CA LYS F 81 17.16 -0.38 37.06
C LYS F 81 17.78 1.02 37.12
N SER F 82 17.19 1.94 36.35
CA SER F 82 17.50 3.39 36.33
C SER F 82 18.90 3.77 35.85
N VAL F 83 19.41 2.97 34.94
CA VAL F 83 20.61 3.32 34.27
C VAL F 83 20.19 3.26 32.85
N SER F 84 20.44 4.38 32.17
CA SER F 84 20.13 4.46 30.78
C SER F 84 21.01 3.51 29.92
N HIS F 85 20.44 2.82 28.97
CA HIS F 85 21.34 1.90 28.29
C HIS F 85 20.88 1.63 26.86
N ARG F 86 21.81 1.29 25.99
CA ARG F 86 21.40 1.10 24.62
C ARG F 86 21.73 -0.34 24.28
N PRO F 87 20.73 -1.22 24.33
CA PRO F 87 20.90 -2.65 23.81
C PRO F 87 20.98 -2.54 22.33
N ARG F 88 21.69 -3.45 21.68
CA ARG F 88 21.92 -3.34 20.24
C ARG F 88 22.44 -4.68 19.84
N SER F 89 22.51 -5.02 18.55
CA SER F 89 23.18 -6.24 18.16
C SER F 89 23.72 -6.19 16.72
N GLU F 90 24.95 -6.67 16.56
CA GLU F 90 25.68 -6.34 15.36
C GLU F 90 25.07 -7.13 14.20
N ASN F 91 24.68 -8.36 14.53
CA ASN F 91 24.23 -9.37 13.58
C ASN F 91 22.87 -10.02 13.77
N GLY F 92 22.20 -9.69 14.88
CA GLY F 92 20.95 -10.36 15.21
C GLY F 92 21.08 -11.28 16.39
N CYS F 93 20.27 -11.00 17.43
CA CYS F 93 20.28 -11.81 18.64
C CYS F 93 18.85 -12.15 19.06
N SER F 94 18.59 -13.36 19.53
CA SER F 94 17.33 -13.62 20.23
C SER F 94 17.54 -13.56 21.70
N LEU F 95 16.76 -12.74 22.34
CA LEU F 95 16.98 -12.43 23.74
C LEU F 95 15.80 -12.77 24.61
N VAL F 96 16.09 -13.25 25.81
CA VAL F 96 15.09 -13.35 26.83
C VAL F 96 15.49 -12.39 27.92
N LEU F 97 14.49 -11.60 28.29
CA LEU F 97 14.56 -10.68 29.40
C LEU F 97 13.68 -11.16 30.51
N ILE F 98 14.15 -10.99 31.73
CA ILE F 98 13.46 -11.56 32.84
C ILE F 98 13.48 -10.46 33.82
N GLU F 99 12.34 -10.16 34.41
CA GLU F 99 12.28 -9.16 35.45
C GLU F 99 11.19 -9.50 36.47
N LEU F 100 11.26 -8.86 37.62
CA LEU F 100 10.20 -8.93 38.59
C LEU F 100 9.12 -8.02 38.08
N SER F 101 7.91 -8.54 38.00
CA SER F 101 6.74 -7.77 37.60
C SER F 101 6.14 -7.00 38.78
N ASP F 102 5.55 -5.84 38.47
CA ASP F 102 4.31 -5.45 39.20
C ASP F 102 3.13 -5.01 38.32
N GLU G 4 35.37 20.88 -12.47
CA GLU G 4 35.89 19.59 -12.98
C GLU G 4 34.85 18.42 -12.96
N THR G 5 35.06 17.44 -13.84
CA THR G 5 34.29 16.25 -13.78
C THR G 5 35.10 15.28 -12.96
N ILE G 6 34.44 14.30 -12.39
CA ILE G 6 35.02 13.22 -11.58
C ILE G 6 34.83 11.92 -12.35
N ASN G 7 35.93 11.34 -12.82
CA ASN G 7 35.93 10.06 -13.50
C ASN G 7 36.02 8.94 -12.47
N LEU G 8 34.87 8.44 -12.09
CA LEU G 8 34.67 7.29 -11.20
C LEU G 8 35.62 6.08 -11.37
N LYS G 9 35.74 5.53 -12.60
CA LYS G 9 36.60 4.36 -12.83
C LYS G 9 38.03 4.73 -12.43
N GLN G 10 38.51 5.88 -12.88
CA GLN G 10 39.81 6.37 -12.49
C GLN G 10 40.03 6.53 -10.97
N HIS G 11 39.25 7.37 -10.30
CA HIS G 11 39.44 7.61 -8.88
C HIS G 11 39.41 6.42 -8.04
N LEU G 12 38.61 5.47 -8.46
CA LEU G 12 38.36 4.28 -7.74
C LEU G 12 39.51 3.33 -7.94
N ALA G 13 40.13 3.36 -9.10
CA ALA G 13 41.28 2.47 -9.32
C ALA G 13 42.46 2.90 -8.43
N ALA G 14 42.50 4.20 -8.11
CA ALA G 14 43.55 4.76 -7.24
C ALA G 14 43.32 4.48 -5.73
N ILE G 15 42.29 3.71 -5.37
CA ILE G 15 41.99 3.49 -3.97
C ILE G 15 42.24 2.04 -3.67
N LYS G 16 43.28 1.76 -2.88
CA LYS G 16 43.70 0.35 -2.57
C LYS G 16 43.25 -0.21 -1.25
N GLU G 17 42.85 0.68 -0.37
CA GLU G 17 42.43 0.34 0.98
C GLU G 17 40.95 0.21 0.95
N TYR G 18 40.43 -0.60 1.88
CA TYR G 18 39.01 -0.70 2.06
C TYR G 18 38.47 0.15 3.19
N TRP G 19 37.21 0.52 3.08
CA TRP G 19 36.53 1.28 4.09
C TRP G 19 37.26 2.60 4.42
N GLN G 20 37.93 3.13 3.41
CA GLN G 20 38.71 4.38 3.44
C GLN G 20 38.13 5.28 2.41
N PRO G 21 37.26 6.22 2.78
CA PRO G 21 36.62 6.97 1.69
C PRO G 21 37.56 7.98 1.03
N GLU G 22 37.36 8.26 -0.25
CA GLU G 22 37.79 9.54 -0.76
C GLU G 22 36.63 10.56 -0.74
N ILE G 23 36.87 11.66 -0.05
CA ILE G 23 35.87 12.72 -0.01
C ILE G 23 36.23 13.88 -0.95
N ILE G 24 35.25 14.22 -1.76
CA ILE G 24 35.29 15.35 -2.66
C ILE G 24 34.07 16.25 -2.35
N ASN G 25 34.28 17.53 -2.14
CA ASN G 25 33.15 18.43 -2.03
C ASN G 25 33.07 19.26 -3.29
N ARG G 26 31.90 19.23 -3.92
CA ARG G 26 31.62 20.11 -5.05
C ARG G 26 30.33 20.86 -4.86
N HIS G 27 30.48 22.15 -4.63
CA HIS G 27 29.36 22.98 -4.29
C HIS G 27 28.60 22.30 -3.15
N GLY G 28 27.29 22.16 -3.28
CA GLY G 28 26.47 21.60 -2.20
C GLY G 28 26.49 20.10 -2.02
N PHE G 29 27.29 19.40 -2.85
CA PHE G 29 27.36 17.95 -2.79
C PHE G 29 28.65 17.50 -2.24
N GLN G 30 28.60 16.37 -1.56
CA GLN G 30 29.80 15.73 -1.04
C GLN G 30 29.72 14.33 -1.60
N PHE G 31 30.79 13.94 -2.31
CA PHE G 31 30.91 12.64 -2.91
C PHE G 31 31.91 11.86 -2.12
N HIS G 32 31.66 10.57 -1.94
CA HIS G 32 32.47 9.67 -1.17
C HIS G 32 32.78 8.53 -2.10
N LEU G 33 34.04 8.22 -2.36
CA LEU G 33 34.34 7.03 -3.14
C LEU G 33 35.08 6.00 -2.26
N VAL G 34 34.41 4.91 -1.90
CA VAL G 34 34.96 3.84 -1.05
C VAL G 34 34.90 2.47 -1.73
N LYS G 35 35.73 1.54 -1.23
CA LYS G 35 35.56 0.10 -1.47
C LYS G 35 35.16 -0.59 -0.18
N LEU G 36 34.08 -1.36 -0.26
CA LEU G 36 33.54 -2.18 0.83
C LEU G 36 33.80 -3.67 0.64
N LEU G 37 34.21 -4.34 1.73
CA LEU G 37 34.34 -5.79 1.84
C LEU G 37 33.99 -6.17 3.26
N GLY G 38 33.51 -7.41 3.47
CA GLY G 38 33.01 -7.79 4.79
C GLY G 38 32.09 -6.67 5.35
N ASP G 39 32.22 -6.28 6.60
CA ASP G 39 31.38 -5.19 7.13
C ASP G 39 32.06 -4.50 8.27
N TYR G 40 31.39 -3.54 8.85
CA TYR G 40 32.08 -2.66 9.76
C TYR G 40 31.15 -2.00 10.72
N GLY G 41 30.10 -2.69 11.14
CA GLY G 41 29.26 -2.16 12.18
C GLY G 41 28.23 -1.18 11.67
N TRP G 42 27.41 -0.67 12.61
CA TRP G 42 26.28 0.14 12.22
C TRP G 42 26.71 1.60 12.04
N HIS G 43 25.96 2.35 11.25
CA HIS G 43 26.29 3.74 10.97
C HIS G 43 24.99 4.45 11.14
N THR G 44 25.00 5.64 11.70
CA THR G 44 23.74 6.35 11.77
C THR G 44 23.74 7.74 11.18
N HIS G 45 24.91 8.21 10.68
CA HIS G 45 25.06 9.57 10.10
C HIS G 45 23.79 10.02 9.35
N GLY G 46 23.24 11.13 9.84
CA GLY G 46 21.99 11.60 9.32
C GLY G 46 21.93 13.12 9.38
N TYR G 47 22.83 13.76 8.64
CA TYR G 47 22.66 15.14 8.14
C TYR G 47 21.63 15.10 6.95
N SER G 48 21.85 14.17 5.98
CA SER G 48 21.16 14.11 4.68
C SER G 48 20.91 12.67 4.32
N ASP G 49 19.89 12.43 3.49
CA ASP G 49 19.75 11.12 2.87
C ASP G 49 21.01 10.94 2.02
N LYS G 50 21.32 9.73 1.59
CA LYS G 50 22.50 9.50 0.79
C LYS G 50 21.99 8.72 -0.38
N VAL G 51 22.66 8.83 -1.54
CA VAL G 51 22.40 7.92 -2.67
C VAL G 51 23.58 7.00 -2.80
N LEU G 52 23.35 5.78 -3.28
CA LEU G 52 24.44 4.88 -3.32
C LEU G 52 24.53 4.28 -4.71
N PHE G 53 25.68 4.50 -5.37
CA PHE G 53 25.87 3.83 -6.69
C PHE G 53 26.91 2.80 -6.58
N ALA G 54 26.47 1.57 -6.77
CA ALA G 54 27.40 0.42 -6.71
C ALA G 54 27.98 0.49 -8.08
N VAL G 55 29.21 0.97 -8.14
CA VAL G 55 29.86 1.08 -9.40
C VAL G 55 30.54 -0.22 -9.87
N GLU G 56 30.86 -1.11 -8.93
CA GLU G 56 31.46 -2.43 -9.30
C GLU G 56 31.08 -3.48 -8.21
N GLY G 57 30.61 -4.67 -8.64
CA GLY G 57 30.09 -5.66 -7.74
C GLY G 57 28.88 -5.16 -6.91
N ASP G 58 28.58 -5.97 -5.88
CA ASP G 58 27.30 -5.95 -5.19
C ASP G 58 27.51 -5.70 -3.73
N ALA G 60 24.95 -4.86 0.24
CA ALA G 60 23.63 -4.79 0.74
C ALA G 60 23.64 -3.77 1.85
N VAL G 61 22.47 -3.42 2.36
CA VAL G 61 22.38 -2.62 3.57
C VAL G 61 21.27 -3.20 4.45
N ASP G 62 21.64 -3.67 5.62
CA ASP G 62 20.69 -4.10 6.63
C ASP G 62 20.08 -2.89 7.41
N PHE G 63 18.81 -2.98 7.78
CA PHE G 63 18.23 -2.07 8.80
C PHE G 63 17.81 -2.79 10.09
N ALA G 64 17.53 -1.96 11.10
CA ALA G 64 17.23 -2.36 12.45
C ALA G 64 15.95 -3.11 12.55
N ASP G 65 15.13 -3.04 11.52
CA ASP G 65 13.88 -3.76 11.49
C ASP G 65 14.02 -5.08 10.74
N GLY G 66 15.24 -5.52 10.53
CA GLY G 66 15.48 -6.66 9.66
C GLY G 66 15.24 -6.47 8.16
N GLY G 67 14.81 -5.28 7.70
CA GLY G 67 14.86 -5.01 6.26
C GLY G 67 16.24 -5.19 5.57
N SER G 68 16.26 -5.40 4.27
CA SER G 68 17.53 -5.42 3.51
C SER G 68 17.35 -4.85 2.13
N THR G 70 19.31 -4.73 -1.42
CA THR G 70 20.42 -5.27 -2.17
C THR G 70 20.83 -4.21 -3.24
N ILE G 71 22.13 -4.04 -3.50
CA ILE G 71 22.61 -3.03 -4.44
C ILE G 71 23.57 -3.69 -5.46
N ARG G 72 23.02 -4.22 -6.52
CA ARG G 72 23.85 -4.87 -7.49
C ARG G 72 24.68 -3.87 -8.31
N GLU G 73 25.85 -4.28 -8.80
CA GLU G 73 26.54 -3.54 -9.88
C GLU G 73 25.60 -2.89 -10.87
N GLY G 74 25.76 -1.56 -10.97
CA GLY G 74 24.97 -0.74 -11.88
C GLY G 74 23.75 -0.18 -11.15
N GLU G 75 23.58 -0.47 -9.87
CA GLU G 75 22.35 -0.01 -9.22
C GLU G 75 22.53 1.16 -8.27
N ALA G 77 20.49 3.22 -4.90
CA ALA G 77 19.54 3.13 -3.88
C ALA G 77 19.92 4.20 -2.89
N VAL G 78 18.95 4.65 -2.09
CA VAL G 78 19.19 5.70 -1.20
C VAL G 78 18.92 5.31 0.28
N VAL G 79 19.71 5.88 1.20
CA VAL G 79 19.58 5.48 2.55
C VAL G 79 19.04 6.64 3.31
N PRO G 80 17.84 6.49 3.84
CA PRO G 80 17.24 7.74 4.51
C PRO G 80 18.17 8.19 5.61
N LYS G 81 18.30 9.50 5.74
CA LYS G 81 18.96 10.10 6.89
C LYS G 81 18.38 9.58 8.21
N SER G 82 19.08 9.83 9.32
CA SER G 82 18.59 9.52 10.67
C SER G 82 18.12 8.08 10.91
N VAL G 83 18.74 7.13 10.20
CA VAL G 83 18.36 5.74 10.33
C VAL G 83 19.61 4.91 10.46
N SER G 84 19.76 4.24 11.60
CA SER G 84 20.83 3.32 11.83
C SER G 84 20.83 2.27 10.69
N HIS G 85 22.00 1.76 10.26
CA HIS G 85 22.03 0.75 9.19
C HIS G 85 23.39 0.16 8.96
N ARG G 86 23.44 -1.02 8.38
CA ARG G 86 24.74 -1.56 8.26
C ARG G 86 25.02 -1.92 6.83
N PRO G 87 25.99 -1.24 6.21
CA PRO G 87 26.40 -1.55 4.81
C PRO G 87 27.40 -2.70 4.84
N ARG G 88 27.35 -3.61 3.88
CA ARG G 88 28.38 -4.68 3.80
C ARG G 88 28.48 -5.24 2.41
N SER G 89 29.44 -6.17 2.16
CA SER G 89 29.67 -6.76 0.85
C SER G 89 30.45 -8.11 0.85
N GLU G 90 29.72 -9.16 0.53
CA GLU G 90 30.24 -10.46 0.55
C GLU G 90 31.54 -10.60 -0.32
N ASN G 91 31.67 -9.83 -1.38
CA ASN G 91 32.81 -10.05 -2.26
C ASN G 91 33.47 -8.79 -2.71
N GLY G 92 33.02 -7.63 -2.17
CA GLY G 92 33.70 -6.38 -2.48
C GLY G 92 32.90 -5.53 -3.45
N CYS G 93 32.67 -4.24 -3.08
CA CYS G 93 31.94 -3.31 -3.94
C CYS G 93 32.67 -1.99 -3.99
N SER G 94 32.67 -1.32 -5.15
CA SER G 94 33.20 0.01 -5.32
C SER G 94 32.01 0.96 -5.29
N LEU G 95 31.88 1.73 -4.23
CA LEU G 95 30.72 2.56 -4.07
C LEU G 95 30.98 4.05 -4.34
N VAL G 96 30.02 4.73 -4.96
CA VAL G 96 29.97 6.19 -4.87
C VAL G 96 28.74 6.57 -4.07
N LEU G 97 28.95 7.49 -3.14
CA LEU G 97 27.94 7.96 -2.26
C LEU G 97 27.81 9.45 -2.48
N ILE G 98 26.58 9.97 -2.41
CA ILE G 98 26.37 11.38 -2.58
C ILE G 98 25.47 11.86 -1.44
N GLU G 99 25.95 12.85 -0.74
CA GLU G 99 25.15 13.53 0.26
C GLU G 99 25.38 15.04 0.15
N LEU G 100 24.49 15.80 0.74
CA LEU G 100 24.73 17.21 1.04
C LEU G 100 25.93 17.40 1.92
N SER G 101 26.76 18.38 1.57
CA SER G 101 27.97 18.77 2.34
C SER G 101 27.65 19.34 3.72
N GLU H 4 13.22 1.08 -1.78
CA GLU H 4 13.44 0.19 -2.97
C GLU H 4 14.51 0.69 -3.96
N THR H 5 15.41 -0.20 -4.37
CA THR H 5 16.53 0.20 -5.22
C THR H 5 16.11 0.38 -6.68
N ILE H 6 16.94 1.04 -7.47
CA ILE H 6 16.59 1.48 -8.82
C ILE H 6 17.60 0.93 -9.78
N ASN H 7 17.18 -0.07 -10.57
CA ASN H 7 18.03 -0.61 -11.63
C ASN H 7 18.04 0.30 -12.87
N LEU H 8 19.15 1.03 -12.98
CA LEU H 8 19.40 2.05 -13.98
C LEU H 8 19.34 1.55 -15.45
N LYS H 9 19.80 0.30 -15.70
CA LYS H 9 19.96 -0.24 -17.02
C LYS H 9 18.62 -0.37 -17.72
N GLN H 10 17.69 -1.10 -17.12
CA GLN H 10 16.26 -0.98 -17.49
C GLN H 10 15.87 0.33 -16.79
N HIS H 11 14.64 0.77 -16.81
CA HIS H 11 14.42 2.23 -16.55
C HIS H 11 14.98 2.99 -17.72
N LEU H 12 16.29 2.87 -17.98
CA LEU H 12 16.73 3.56 -19.18
C LEU H 12 16.63 2.85 -20.56
N ALA H 13 16.80 1.54 -20.60
CA ALA H 13 16.31 0.76 -21.74
C ALA H 13 14.82 1.04 -22.06
N ALA H 14 14.04 1.35 -21.02
CA ALA H 14 12.63 1.59 -21.21
C ALA H 14 12.34 2.95 -21.84
N ILE H 15 13.24 3.94 -21.65
CA ILE H 15 13.18 5.23 -22.37
C ILE H 15 13.54 5.10 -23.87
N LYS H 16 12.57 5.40 -24.73
CA LYS H 16 12.70 5.20 -26.16
C LYS H 16 12.75 6.49 -26.99
N GLU H 17 12.85 7.63 -26.32
CA GLU H 17 12.90 8.89 -26.99
C GLU H 17 13.72 9.89 -26.25
N TYR H 18 14.12 10.95 -26.94
CA TYR H 18 15.09 11.85 -26.35
C TYR H 18 14.46 12.98 -25.59
N TRP H 19 15.21 13.68 -24.77
CA TRP H 19 14.68 14.83 -24.02
C TRP H 19 13.33 14.60 -23.35
N GLN H 20 13.02 13.37 -22.99
CA GLN H 20 11.82 13.11 -22.22
C GLN H 20 12.16 12.34 -20.99
N PRO H 21 12.22 13.03 -19.85
CA PRO H 21 12.75 12.41 -18.60
C PRO H 21 11.76 11.52 -17.83
N GLU H 22 12.28 10.51 -17.17
CA GLU H 22 11.55 9.69 -16.21
C GLU H 22 11.87 10.31 -14.86
N ILE H 23 10.86 10.75 -14.13
CA ILE H 23 11.08 11.31 -12.80
C ILE H 23 10.87 10.25 -11.71
N ILE H 24 11.78 10.18 -10.73
CA ILE H 24 11.68 9.21 -9.60
C ILE H 24 11.98 9.89 -8.32
N ASN H 25 11.14 9.65 -7.32
CA ASN H 25 11.41 10.19 -6.02
C ASN H 25 11.69 9.13 -5.02
N ARG H 26 12.52 9.49 -4.04
CA ARG H 26 12.98 8.56 -2.98
C ARG H 26 13.47 9.48 -1.93
N HIS H 27 12.67 9.59 -0.88
CA HIS H 27 12.97 10.46 0.20
C HIS H 27 13.23 11.84 -0.33
N GLY H 28 14.36 12.42 0.05
CA GLY H 28 14.73 13.77 -0.34
C GLY H 28 15.25 13.91 -1.74
N PHE H 29 15.56 12.80 -2.40
CA PHE H 29 16.14 12.84 -3.72
C PHE H 29 15.14 12.93 -4.80
N GLN H 30 15.49 13.68 -5.83
CA GLN H 30 14.78 13.52 -7.04
C GLN H 30 15.77 13.14 -8.13
N PHE H 31 15.45 12.12 -8.91
CA PHE H 31 16.30 11.84 -10.06
C PHE H 31 15.58 11.93 -11.39
N HIS H 32 16.24 12.56 -12.36
CA HIS H 32 15.75 12.56 -13.71
C HIS H 32 16.62 11.64 -14.52
N LEU H 33 16.00 10.69 -15.22
CA LEU H 33 16.72 9.85 -16.22
C LEU H 33 16.23 10.32 -17.59
N VAL H 34 17.12 10.76 -18.46
CA VAL H 34 16.71 11.30 -19.75
C VAL H 34 17.75 10.91 -20.71
N LYS H 35 17.39 10.88 -21.98
CA LYS H 35 18.41 10.65 -22.97
C LYS H 35 18.57 11.89 -23.84
N LEU H 36 19.82 12.29 -24.07
CA LEU H 36 20.15 13.45 -24.82
C LEU H 36 20.72 13.11 -26.19
N LEU H 37 20.30 13.85 -27.22
CA LEU H 37 20.94 13.87 -28.54
C LEU H 37 20.83 15.31 -29.04
N GLY H 38 21.89 15.83 -29.68
CA GLY H 38 21.88 17.24 -30.11
C GLY H 38 21.81 18.11 -28.87
N ASP H 39 21.20 19.31 -28.97
CA ASP H 39 20.83 20.12 -27.75
C ASP H 39 19.42 20.75 -27.81
N TYR H 40 18.88 21.17 -26.66
CA TYR H 40 17.64 21.99 -26.60
C TYR H 40 17.95 23.27 -25.89
N GLY H 41 19.06 23.89 -26.23
CA GLY H 41 19.31 25.25 -25.80
C GLY H 41 19.63 25.38 -24.31
N TRP H 42 19.31 26.54 -23.75
CA TRP H 42 19.88 27.01 -22.48
C TRP H 42 18.92 26.83 -21.36
N HIS H 43 19.40 26.27 -20.25
CA HIS H 43 18.61 26.20 -19.03
C HIS H 43 19.35 26.61 -17.77
N THR H 44 18.52 26.92 -16.76
CA THR H 44 18.94 27.26 -15.45
C THR H 44 17.97 26.75 -14.40
N HIS H 45 18.45 25.89 -13.51
CA HIS H 45 17.72 25.45 -12.36
C HIS H 45 17.88 26.57 -11.33
N GLY H 46 16.77 27.25 -10.97
CA GLY H 46 16.90 28.51 -10.30
C GLY H 46 17.24 28.23 -8.85
N TYR H 47 17.02 26.99 -8.43
CA TYR H 47 16.77 26.78 -6.99
C TYR H 47 17.63 25.58 -6.42
N SER H 48 18.16 24.70 -7.25
CA SER H 48 19.05 23.71 -6.64
C SER H 48 20.23 23.28 -7.49
N ASP H 49 21.36 23.05 -6.82
CA ASP H 49 22.49 22.31 -7.42
C ASP H 49 21.97 21.00 -7.86
N LYS H 50 22.63 20.45 -8.85
CA LYS H 50 22.27 19.21 -9.44
C LYS H 50 23.51 18.42 -9.85
N VAL H 51 23.44 17.08 -9.82
CA VAL H 51 24.50 16.25 -10.29
C VAL H 51 24.19 15.61 -11.64
N LEU H 52 25.16 15.55 -12.52
CA LEU H 52 24.89 14.93 -13.81
C LEU H 52 25.70 13.65 -13.91
N PHE H 53 25.07 12.52 -14.18
CA PHE H 53 25.88 11.30 -14.21
C PHE H 53 25.65 10.77 -15.56
N ALA H 54 26.76 10.57 -16.27
CA ALA H 54 26.67 10.23 -17.66
C ALA H 54 26.87 8.69 -17.71
N VAL H 55 25.69 8.06 -17.71
CA VAL H 55 25.63 6.60 -17.55
C VAL H 55 26.12 5.88 -18.71
N GLU H 56 25.87 6.39 -19.92
CA GLU H 56 26.21 5.61 -21.13
C GLU H 56 26.94 6.22 -22.37
N GLY H 57 26.64 7.41 -22.81
CA GLY H 57 27.47 7.91 -23.91
C GLY H 57 28.22 9.12 -23.39
N ASP H 58 28.81 9.91 -24.28
CA ASP H 58 29.37 11.18 -23.85
C ASP H 58 28.35 12.27 -23.92
N ALA H 60 28.29 16.94 -23.12
CA ALA H 60 28.99 18.16 -22.73
C ALA H 60 28.02 19.28 -22.24
N VAL H 61 28.53 20.23 -21.45
CA VAL H 61 27.78 21.45 -21.05
C VAL H 61 28.52 22.75 -21.42
N ASP H 62 27.81 23.61 -22.15
CA ASP H 62 28.21 24.97 -22.35
C ASP H 62 27.71 25.79 -21.16
N PHE H 63 28.50 26.79 -20.84
CA PHE H 63 28.17 27.73 -19.81
C PHE H 63 28.09 29.15 -20.40
N ALA H 64 27.40 30.03 -19.66
CA ALA H 64 27.31 31.43 -20.02
C ALA H 64 28.65 32.18 -20.18
N ASP H 65 29.70 31.74 -19.52
CA ASP H 65 30.99 32.35 -19.70
C ASP H 65 31.71 31.83 -20.97
N GLY H 66 31.12 30.88 -21.67
CA GLY H 66 31.77 30.41 -22.90
C GLY H 66 32.61 29.17 -22.62
N GLY H 67 32.69 28.78 -21.35
CA GLY H 67 33.33 27.55 -20.99
C GLY H 67 32.54 26.39 -21.51
N SER H 68 33.24 25.36 -21.97
CA SER H 68 32.61 24.11 -22.27
C SER H 68 33.14 23.06 -21.28
N THR H 70 33.21 18.74 -20.50
CA THR H 70 32.88 17.44 -21.05
C THR H 70 32.59 16.40 -19.97
N ILE H 71 31.50 15.66 -20.13
CA ILE H 71 31.22 14.56 -19.23
C ILE H 71 31.23 13.29 -20.04
N ARG H 72 32.28 12.52 -19.94
CA ARG H 72 32.35 11.28 -20.69
C ARG H 72 31.52 10.23 -19.96
N GLU H 73 31.45 9.02 -20.53
CA GLU H 73 30.73 7.97 -19.86
C GLU H 73 31.41 7.56 -18.58
N GLY H 74 30.57 7.27 -17.58
CA GLY H 74 30.98 7.05 -16.19
C GLY H 74 31.60 8.24 -15.48
N GLU H 75 31.26 9.49 -15.86
CA GLU H 75 31.78 10.63 -15.14
C GLU H 75 30.67 11.32 -14.42
N ALA H 77 29.32 15.19 -12.59
CA ALA H 77 29.61 16.58 -12.33
C ALA H 77 28.42 17.30 -11.77
N VAL H 78 28.70 18.49 -11.25
CA VAL H 78 27.72 19.28 -10.65
C VAL H 78 27.48 20.55 -11.49
N VAL H 79 26.26 21.08 -11.45
CA VAL H 79 25.98 22.35 -12.06
C VAL H 79 25.22 23.09 -10.97
N PRO H 80 25.77 24.20 -10.48
CA PRO H 80 25.12 24.87 -9.36
C PRO H 80 23.81 25.49 -9.79
N LYS H 81 22.92 25.70 -8.84
CA LYS H 81 21.75 26.52 -9.08
C LYS H 81 22.16 27.80 -9.84
N SER H 82 21.25 28.38 -10.64
CA SER H 82 21.47 29.73 -11.27
C SER H 82 22.54 29.87 -12.33
N VAL H 83 23.05 28.75 -12.84
CA VAL H 83 24.10 28.82 -13.83
C VAL H 83 23.48 28.41 -15.16
N SER H 84 23.44 29.36 -16.08
CA SER H 84 22.87 29.07 -17.32
C SER H 84 23.80 28.03 -18.00
N HIS H 85 23.18 27.03 -18.61
CA HIS H 85 23.99 26.05 -19.21
C HIS H 85 23.25 25.31 -20.28
N ARG H 86 24.05 24.75 -21.17
CA ARG H 86 23.51 24.08 -22.34
C ARG H 86 24.11 22.68 -22.47
N PRO H 87 23.34 21.71 -21.98
CA PRO H 87 23.78 20.32 -22.01
C PRO H 87 23.59 19.81 -23.42
N ARG H 88 24.47 18.94 -23.95
CA ARG H 88 24.29 18.45 -25.31
C ARG H 88 25.03 17.13 -25.64
N SER H 89 24.65 16.42 -26.66
CA SER H 89 25.39 15.17 -26.92
C SER H 89 25.48 14.86 -28.41
N GLU H 90 26.70 14.84 -28.94
CA GLU H 90 26.82 14.64 -30.36
C GLU H 90 26.26 13.26 -30.70
N ASN H 91 26.64 12.23 -29.95
CA ASN H 91 26.26 10.83 -30.31
C ASN H 91 25.23 10.11 -29.46
N GLY H 92 24.69 10.78 -28.44
CA GLY H 92 23.69 10.18 -27.58
C GLY H 92 24.19 9.93 -26.17
N CYS H 93 23.36 10.27 -25.20
CA CYS H 93 23.72 10.09 -23.80
C CYS H 93 22.56 9.80 -22.92
N SER H 94 22.77 8.79 -22.07
CA SER H 94 21.87 8.43 -20.99
C SER H 94 22.33 9.07 -19.70
N LEU H 95 21.45 9.86 -19.13
CA LEU H 95 21.84 10.76 -18.05
C LEU H 95 20.92 10.66 -16.81
N VAL H 96 21.56 10.60 -15.66
CA VAL H 96 20.84 10.60 -14.44
C VAL H 96 21.10 11.94 -13.84
N LEU H 97 20.03 12.66 -13.54
CA LEU H 97 20.17 13.98 -12.92
C LEU H 97 19.72 13.79 -11.50
N ILE H 98 20.51 14.29 -10.58
CA ILE H 98 20.21 14.07 -9.19
C ILE H 98 19.98 15.42 -8.45
N GLU H 99 19.02 15.45 -7.55
CA GLU H 99 18.85 16.63 -6.79
C GLU H 99 18.31 16.21 -5.47
N LEU H 100 18.57 17.04 -4.47
CA LEU H 100 18.28 16.66 -3.15
C LEU H 100 17.76 17.83 -2.29
N SER H 101 16.53 17.66 -1.81
CA SER H 101 15.70 18.62 -1.10
C SER H 101 16.42 19.66 -0.18
N ASN I 3 -18.80 20.20 -9.92
CA ASN I 3 -19.68 21.39 -9.49
C ASN I 3 -19.41 21.77 -8.05
N GLU I 4 -19.03 23.05 -7.87
CA GLU I 4 -18.49 23.58 -6.60
C GLU I 4 -16.99 23.27 -6.41
N THR I 5 -16.52 22.09 -6.81
CA THR I 5 -15.08 21.84 -6.72
C THR I 5 -14.28 22.60 -7.80
N ILE I 6 -13.01 22.86 -7.56
CA ILE I 6 -12.20 23.59 -8.52
C ILE I 6 -11.13 22.74 -9.12
N ASN I 7 -11.21 22.56 -10.43
CA ASN I 7 -10.20 21.87 -11.17
C ASN I 7 -9.12 22.86 -11.48
N LEU I 8 -8.06 22.69 -10.72
CA LEU I 8 -6.86 23.49 -10.81
C LEU I 8 -6.27 23.54 -12.24
N LYS I 9 -6.34 22.42 -12.98
CA LYS I 9 -5.64 22.30 -14.26
C LYS I 9 -6.31 23.30 -15.18
N GLN I 10 -7.64 23.19 -15.27
CA GLN I 10 -8.36 23.86 -16.31
C GLN I 10 -8.54 25.33 -15.93
N HIS I 11 -8.76 25.67 -14.67
CA HIS I 11 -8.64 27.08 -14.33
C HIS I 11 -7.26 27.69 -14.68
N LEU I 12 -6.19 26.99 -14.33
CA LEU I 12 -4.84 27.48 -14.69
C LEU I 12 -4.59 27.68 -16.23
N ALA I 13 -4.88 26.67 -17.07
CA ALA I 13 -4.62 26.79 -18.52
C ALA I 13 -5.38 27.98 -19.14
N ALA I 14 -6.52 28.36 -18.55
CA ALA I 14 -7.32 29.52 -18.98
C ALA I 14 -6.70 30.89 -18.65
N ILE I 15 -5.55 30.88 -17.99
CA ILE I 15 -4.85 32.10 -17.68
C ILE I 15 -3.64 32.20 -18.60
N LYS I 16 -3.70 33.15 -19.54
CA LYS I 16 -2.56 33.36 -20.45
C LYS I 16 -1.56 34.40 -19.96
N GLU I 17 -1.92 35.15 -18.93
CA GLU I 17 -1.10 36.26 -18.53
C GLU I 17 -0.39 35.88 -17.23
N TYR I 18 0.72 36.52 -16.92
CA TYR I 18 1.38 36.31 -15.66
C TYR I 18 1.21 37.49 -14.75
N TRP I 19 1.22 37.26 -13.47
CA TRP I 19 1.03 38.35 -12.55
C TRP I 19 -0.35 38.95 -12.67
N GLN I 20 -1.27 38.24 -13.32
CA GLN I 20 -2.67 38.62 -13.42
C GLN I 20 -3.54 37.62 -12.67
N PRO I 21 -3.91 37.90 -11.43
CA PRO I 21 -4.55 36.80 -10.71
C PRO I 21 -6.08 36.74 -10.90
N GLU I 22 -6.63 35.52 -10.90
CA GLU I 22 -8.07 35.24 -10.83
C GLU I 22 -8.45 34.81 -9.43
N ILE I 23 -9.63 35.21 -8.97
CA ILE I 23 -10.11 34.97 -7.61
C ILE I 23 -11.34 34.06 -7.64
N ILE I 24 -11.35 32.98 -6.85
CA ILE I 24 -12.55 32.18 -6.66
C ILE I 24 -12.91 32.23 -5.18
N ASN I 25 -14.14 32.58 -4.86
CA ASN I 25 -14.65 32.41 -3.50
C ASN I 25 -15.43 31.10 -3.33
N ARG I 26 -15.23 30.45 -2.19
CA ARG I 26 -15.96 29.23 -1.90
C ARG I 26 -16.23 29.19 -0.39
N HIS I 27 -17.47 29.54 -0.02
CA HIS I 27 -17.83 29.90 1.37
C HIS I 27 -16.70 30.74 2.00
N GLY I 28 -16.16 30.30 3.14
CA GLY I 28 -15.17 31.09 3.93
C GLY I 28 -13.72 31.05 3.45
N PHE I 29 -13.52 30.64 2.21
CA PHE I 29 -12.19 30.66 1.63
C PHE I 29 -12.14 31.47 0.34
N GLN I 30 -10.98 32.02 0.06
CA GLN I 30 -10.74 32.72 -1.16
C GLN I 30 -9.49 32.15 -1.76
N PHE I 31 -9.54 31.78 -3.02
CA PHE I 31 -8.36 31.21 -3.70
C PHE I 31 -7.89 32.21 -4.74
N HIS I 32 -6.56 32.38 -4.89
CA HIS I 32 -6.03 33.14 -6.01
C HIS I 32 -5.22 32.21 -6.94
N LEU I 33 -5.50 32.27 -8.24
CA LEU I 33 -4.66 31.54 -9.17
C LEU I 33 -3.92 32.55 -10.10
N VAL I 34 -2.56 32.49 -10.12
CA VAL I 34 -1.67 33.44 -10.82
C VAL I 34 -0.49 32.72 -11.42
N LYS I 35 -0.03 33.17 -12.57
CA LYS I 35 1.22 32.63 -13.07
C LYS I 35 2.36 33.65 -12.90
N LEU I 36 3.41 33.22 -12.22
CA LEU I 36 4.55 34.04 -11.84
C LEU I 36 5.79 33.77 -12.74
N LEU I 37 6.50 34.85 -13.08
CA LEU I 37 7.70 34.74 -13.89
C LEU I 37 8.57 35.98 -13.64
N GLY I 38 9.90 35.89 -13.77
CA GLY I 38 10.80 36.95 -13.26
C GLY I 38 10.36 37.42 -11.81
N ASP I 39 10.34 38.70 -11.49
CA ASP I 39 9.63 39.17 -10.22
C ASP I 39 8.91 40.54 -10.35
N TYR I 40 8.18 41.01 -9.32
CA TYR I 40 7.69 42.36 -9.34
C TYR I 40 8.08 43.00 -8.10
N GLY I 41 9.28 42.73 -7.65
CA GLY I 41 9.77 43.49 -6.50
C GLY I 41 9.00 43.22 -5.21
N TRP I 42 9.19 44.07 -4.22
CA TRP I 42 8.70 43.75 -2.89
C TRP I 42 7.22 44.10 -2.83
N HIS I 43 6.48 43.37 -1.96
CA HIS I 43 5.07 43.66 -1.59
C HIS I 43 5.02 43.40 -0.13
N THR I 44 4.16 44.14 0.58
CA THR I 44 3.85 43.77 1.93
C THR I 44 2.53 42.96 1.91
N HIS I 45 1.65 43.21 2.90
CA HIS I 45 0.59 42.28 3.37
C HIS I 45 0.99 40.82 3.17
N SER I 48 -5.32 36.06 6.20
CA SER I 48 -4.32 36.74 7.02
C SER I 48 -2.96 36.37 6.48
N ASP I 49 -2.46 35.21 6.91
CA ASP I 49 -1.30 34.55 6.34
C ASP I 49 -1.82 33.99 5.02
N LYS I 50 -0.98 33.46 4.17
CA LYS I 50 -1.53 32.83 2.98
C LYS I 50 -0.92 31.47 2.78
N VAL I 51 -1.70 30.51 2.28
CA VAL I 51 -1.12 29.24 1.87
C VAL I 51 -0.71 29.28 0.39
N LEU I 52 0.55 28.98 0.09
CA LEU I 52 0.97 28.97 -1.31
C LEU I 52 1.13 27.57 -1.84
N PHE I 53 0.52 27.25 -2.97
CA PHE I 53 0.77 25.92 -3.50
C PHE I 53 1.27 26.01 -4.92
N ALA I 54 2.48 25.56 -5.10
CA ALA I 54 3.11 25.56 -6.44
C ALA I 54 2.59 24.39 -7.20
N VAL I 55 1.66 24.72 -8.10
CA VAL I 55 0.99 23.70 -8.89
C VAL I 55 1.83 23.24 -10.05
N GLU I 56 2.35 24.18 -10.85
CA GLU I 56 3.07 23.65 -11.97
C GLU I 56 4.58 23.77 -11.97
N GLY I 57 5.20 24.92 -11.76
CA GLY I 57 6.70 24.82 -11.76
C GLY I 57 7.25 25.28 -10.41
N ASP I 58 8.51 25.79 -10.42
CA ASP I 58 9.26 26.15 -9.18
C ASP I 58 9.30 27.63 -8.92
N ALA I 60 10.57 31.01 -5.67
CA ALA I 60 11.12 31.34 -4.37
C ALA I 60 10.40 32.52 -3.81
N VAL I 61 10.44 32.72 -2.50
CA VAL I 61 10.02 33.98 -1.88
C VAL I 61 11.19 34.50 -1.00
N ASP I 62 11.64 35.74 -1.25
CA ASP I 62 12.64 36.41 -0.46
C ASP I 62 11.88 37.21 0.57
N PHE I 63 12.55 37.39 1.70
CA PHE I 63 12.04 38.10 2.83
C PHE I 63 13.01 39.19 3.12
N ALA I 64 12.47 40.27 3.70
CA ALA I 64 13.20 41.44 4.15
C ALA I 64 14.37 41.11 5.08
N ASP I 65 14.24 40.05 5.88
CA ASP I 65 15.27 39.65 6.85
C ASP I 65 16.38 38.73 6.18
N GLY I 66 16.46 38.69 4.85
CA GLY I 66 17.51 37.90 4.23
C GLY I 66 17.11 36.47 4.08
N GLY I 67 16.02 36.12 4.78
CA GLY I 67 15.45 34.80 4.60
C GLY I 67 14.98 34.63 3.15
N SER I 68 15.28 33.51 2.53
CA SER I 68 14.49 33.14 1.37
C SER I 68 13.82 31.75 1.48
N THR I 70 12.30 28.64 -1.01
CA THR I 70 11.94 27.98 -2.26
C THR I 70 10.70 27.10 -2.10
N ILE I 71 9.77 27.26 -3.04
CA ILE I 71 8.61 26.37 -3.15
C ILE I 71 8.68 25.60 -4.45
N ARG I 72 8.87 24.30 -4.44
CA ARG I 72 8.95 23.54 -5.74
C ARG I 72 7.56 23.01 -6.19
N GLU I 73 7.45 22.56 -7.43
CA GLU I 73 6.23 21.99 -7.97
C GLU I 73 5.74 20.95 -7.00
N GLY I 74 4.49 21.15 -6.57
CA GLY I 74 3.85 20.17 -5.70
C GLY I 74 4.17 20.39 -4.25
N GLU I 75 4.70 21.54 -3.88
CA GLU I 75 4.85 21.83 -2.46
C GLU I 75 3.93 22.95 -1.96
N ALA I 77 3.28 25.90 1.37
CA ALA I 77 4.03 26.77 2.22
C ALA I 77 3.15 27.98 2.66
N VAL I 78 3.53 28.67 3.75
CA VAL I 78 2.80 29.86 4.24
C VAL I 78 3.68 31.09 4.29
N VAL I 79 3.31 32.13 3.59
CA VAL I 79 4.03 33.36 3.79
C VAL I 79 3.31 34.06 4.91
N PRO I 80 4.02 34.31 5.99
CA PRO I 80 3.32 34.96 7.09
C PRO I 80 2.64 36.30 6.74
N LYS I 81 2.15 36.99 7.77
CA LYS I 81 1.39 38.23 7.70
C LYS I 81 2.43 39.30 8.03
N SER I 82 2.27 40.50 7.48
CA SER I 82 3.17 41.63 7.79
C SER I 82 4.66 41.38 7.55
N VAL I 83 5.04 40.54 6.57
CA VAL I 83 6.42 40.61 6.22
C VAL I 83 6.69 40.93 4.75
N SER I 84 7.41 42.03 4.47
CA SER I 84 7.74 42.34 3.12
C SER I 84 8.38 41.15 2.46
N HIS I 85 7.97 40.86 1.23
CA HIS I 85 8.49 39.64 0.63
C HIS I 85 8.36 39.91 -0.85
N ARG I 86 9.13 39.14 -1.56
CA ARG I 86 9.23 39.27 -2.99
C ARG I 86 9.15 37.86 -3.54
N PRO I 87 8.01 37.48 -4.12
CA PRO I 87 7.69 36.29 -4.84
C PRO I 87 8.53 36.26 -6.14
N ARG I 88 8.96 35.10 -6.67
CA ARG I 88 9.62 35.10 -7.98
C ARG I 88 9.88 33.69 -8.58
N SER I 89 10.13 33.64 -9.91
CA SER I 89 10.29 32.35 -10.56
C SER I 89 11.19 32.32 -11.85
N GLU I 90 12.30 31.65 -11.76
CA GLU I 90 13.24 31.64 -12.82
C GLU I 90 12.53 31.16 -14.13
N ASN I 91 11.55 30.27 -14.07
CA ASN I 91 11.07 29.71 -15.32
C ASN I 91 9.57 29.64 -15.47
N GLY I 92 8.81 30.20 -14.49
CA GLY I 92 7.38 30.16 -14.54
C GLY I 92 6.89 29.22 -13.49
N CYS I 93 5.99 29.73 -12.68
CA CYS I 93 5.25 28.95 -11.71
C CYS I 93 3.77 29.30 -11.78
N SER I 94 2.94 28.28 -11.58
CA SER I 94 1.47 28.40 -11.47
C SER I 94 1.06 28.26 -10.03
N LEU I 95 0.53 29.32 -9.46
CA LEU I 95 0.28 29.38 -8.00
C LEU I 95 -1.17 29.32 -7.64
N VAL I 96 -1.50 28.49 -6.64
CA VAL I 96 -2.71 28.69 -5.88
C VAL I 96 -2.35 29.26 -4.50
N LEU I 97 -3.08 30.29 -4.11
CA LEU I 97 -2.94 30.95 -2.79
C LEU I 97 -4.25 30.86 -2.08
N ILE I 98 -4.22 30.46 -0.82
CA ILE I 98 -5.46 30.32 -0.09
C ILE I 98 -5.48 31.27 1.12
N GLU I 99 -6.57 31.99 1.32
CA GLU I 99 -6.78 32.73 2.58
C GLU I 99 -8.17 32.54 3.01
N LEU I 100 -8.38 32.79 4.29
CA LEU I 100 -9.73 32.92 4.87
C LEU I 100 -10.44 34.23 4.49
N SER I 101 -11.77 34.20 4.42
CA SER I 101 -12.62 35.37 4.61
C SER I 101 -12.47 35.73 6.07
N GLU J 4 9.81 27.15 6.08
CA GLU J 4 9.84 25.71 5.63
C GLU J 4 8.63 25.10 4.88
N THR J 5 8.92 24.55 3.70
CA THR J 5 7.85 24.10 2.84
C THR J 5 7.38 22.75 3.23
N ILE J 6 6.32 22.28 2.55
CA ILE J 6 5.81 20.91 2.73
C ILE J 6 5.79 20.17 1.39
N ASN J 7 6.55 19.07 1.26
CA ASN J 7 6.53 18.39 -0.01
C ASN J 7 5.42 17.37 0.14
N LEU J 8 4.34 17.60 -0.60
CA LEU J 8 3.11 16.77 -0.48
C LEU J 8 3.50 15.30 -0.81
N LYS J 9 4.24 15.10 -1.89
CA LYS J 9 4.58 13.74 -2.26
C LYS J 9 5.47 13.07 -1.23
N GLN J 10 6.44 13.78 -0.70
CA GLN J 10 7.37 13.22 0.26
C GLN J 10 6.66 12.90 1.58
N HIS J 11 5.85 13.84 2.09
CA HIS J 11 5.12 13.50 3.32
C HIS J 11 4.18 12.30 3.12
N LEU J 12 3.59 12.19 1.94
CA LEU J 12 2.58 11.20 1.73
C LEU J 12 3.16 9.80 1.49
N ALA J 13 4.38 9.73 0.95
CA ALA J 13 5.03 8.45 0.68
C ALA J 13 5.40 7.81 2.01
N ALA J 14 5.79 8.64 2.95
CA ALA J 14 5.97 8.23 4.36
C ALA J 14 4.73 7.59 5.05
N ILE J 15 3.51 7.86 4.58
CA ILE J 15 2.30 7.39 5.27
C ILE J 15 1.85 6.04 4.72
N LYS J 16 1.87 5.01 5.57
CA LYS J 16 1.65 3.66 5.06
C LYS J 16 0.36 3.05 5.46
N GLU J 17 -0.46 3.80 6.20
CA GLU J 17 -1.72 3.34 6.77
C GLU J 17 -2.81 4.27 6.29
N TYR J 18 -4.04 3.76 6.31
CA TYR J 18 -5.11 4.55 5.78
C TYR J 18 -5.91 5.44 6.66
N TRP J 19 -6.28 5.19 7.87
CA TRP J 19 -7.12 6.32 8.25
C TRP J 19 -6.49 7.24 9.28
N GLN J 20 -5.18 7.45 9.13
CA GLN J 20 -4.26 8.02 10.11
C GLN J 20 -3.64 9.33 9.60
N PRO J 21 -4.26 10.47 9.94
CA PRO J 21 -3.65 11.71 9.45
C PRO J 21 -2.30 12.06 10.11
N GLU J 22 -1.41 12.65 9.33
CA GLU J 22 -0.20 13.31 9.80
C GLU J 22 -0.54 14.81 9.84
N ILE J 23 -0.52 15.46 11.01
CA ILE J 23 -0.84 16.88 11.18
C ILE J 23 0.43 17.79 11.24
N ILE J 24 0.45 18.87 10.45
CA ILE J 24 1.57 19.77 10.34
C ILE J 24 1.07 21.18 10.59
N ASN J 25 1.83 22.03 11.25
CA ASN J 25 1.49 23.45 11.36
C ASN J 25 2.53 24.39 10.74
N ARG J 26 2.04 25.54 10.26
CA ARG J 26 2.84 26.57 9.63
C ARG J 26 2.07 27.84 9.81
N HIS J 27 2.48 28.66 10.79
CA HIS J 27 1.86 29.94 11.06
C HIS J 27 0.37 29.71 11.37
N GLY J 28 -0.57 30.56 10.95
CA GLY J 28 -2.04 30.26 11.22
C GLY J 28 -2.69 29.08 10.47
N PHE J 29 -1.91 28.09 10.08
CA PHE J 29 -2.53 27.05 9.28
C PHE J 29 -2.19 25.66 9.69
N GLN J 30 -3.20 24.81 9.71
CA GLN J 30 -3.01 23.35 9.92
C GLN J 30 -3.35 22.54 8.69
N PHE J 31 -2.46 21.58 8.40
CA PHE J 31 -2.52 20.67 7.28
C PHE J 31 -2.67 19.25 7.83
N HIS J 32 -3.60 18.46 7.29
CA HIS J 32 -3.75 17.05 7.64
C HIS J 32 -3.47 16.36 6.35
N LEU J 33 -2.53 15.44 6.35
CA LEU J 33 -2.46 14.61 5.20
C LEU J 33 -2.92 13.22 5.62
N VAL J 34 -3.70 12.58 4.74
CA VAL J 34 -4.39 11.30 5.04
C VAL J 34 -4.58 10.56 3.76
N LYS J 35 -4.45 9.25 3.81
CA LYS J 35 -4.91 8.46 2.67
C LYS J 35 -6.30 7.83 2.94
N LEU J 36 -7.22 7.87 1.98
CA LEU J 36 -8.60 7.39 2.15
C LEU J 36 -8.82 6.26 1.23
N LEU J 37 -9.61 5.27 1.72
CA LEU J 37 -10.02 4.09 0.94
C LEU J 37 -11.51 3.73 0.93
N GLY J 38 -12.06 3.06 1.88
CA GLY J 38 -13.48 2.79 1.64
C GLY J 38 -14.23 3.96 2.24
N ASP J 39 -14.92 3.76 3.37
CA ASP J 39 -15.31 4.94 4.19
C ASP J 39 -15.26 4.69 5.69
N TYR J 40 -15.46 5.75 6.48
CA TYR J 40 -15.61 5.60 7.93
C TYR J 40 -16.87 6.24 8.38
N GLY J 41 -17.91 6.16 7.55
CA GLY J 41 -19.22 6.56 8.01
C GLY J 41 -19.51 8.03 7.98
N TRP J 42 -20.35 8.51 8.88
CA TRP J 42 -20.90 9.86 8.80
C TRP J 42 -20.33 10.67 9.94
N HIS J 43 -19.73 11.83 9.68
CA HIS J 43 -19.09 12.63 10.73
C HIS J 43 -19.88 13.96 10.95
N THR J 44 -19.41 14.79 11.90
CA THR J 44 -20.05 16.09 12.19
C THR J 44 -19.15 17.30 11.94
N HIS J 45 -17.93 17.06 11.47
CA HIS J 45 -16.88 18.07 11.61
C HIS J 45 -17.16 19.48 11.02
N ASP J 49 -14.68 24.74 8.98
CA ASP J 49 -14.56 25.12 7.57
C ASP J 49 -13.20 24.75 6.93
N LYS J 50 -13.15 23.67 6.17
CA LYS J 50 -11.85 23.32 5.66
C LYS J 50 -11.78 22.98 4.16
N VAL J 51 -10.57 23.19 3.60
CA VAL J 51 -10.28 22.98 2.19
C VAL J 51 -9.66 21.61 2.03
N LEU J 52 -10.01 20.92 0.97
CA LEU J 52 -9.57 19.56 0.79
C LEU J 52 -8.89 19.56 -0.59
N PHE J 53 -7.76 18.88 -0.75
CA PHE J 53 -7.02 18.86 -1.99
C PHE J 53 -6.67 17.45 -2.29
N ALA J 54 -7.13 16.99 -3.41
CA ALA J 54 -6.97 15.61 -3.63
C ALA J 54 -5.66 15.48 -4.36
N VAL J 55 -4.66 15.00 -3.63
CA VAL J 55 -3.33 15.00 -4.23
C VAL J 55 -3.18 13.87 -5.19
N GLU J 56 -3.58 12.68 -4.80
CA GLU J 56 -3.53 11.53 -5.73
C GLU J 56 -4.83 10.77 -5.67
N GLY J 57 -5.15 10.05 -6.74
CA GLY J 57 -6.46 9.39 -6.87
C GLY J 57 -7.65 10.33 -6.62
N ASP J 58 -8.85 9.74 -6.46
CA ASP J 58 -10.10 10.48 -6.29
C ASP J 58 -10.94 10.05 -5.10
N ALA J 60 -14.82 11.32 -2.70
CA ALA J 60 -16.06 12.06 -2.66
C ALA J 60 -16.46 12.38 -1.24
N VAL J 61 -17.36 13.36 -1.12
CA VAL J 61 -18.06 13.62 0.13
C VAL J 61 -19.59 13.60 -0.10
N ASP J 62 -20.30 12.75 0.60
CA ASP J 62 -21.75 12.74 0.48
C ASP J 62 -22.32 13.61 1.57
N PHE J 63 -23.34 14.34 1.25
CA PHE J 63 -24.05 15.04 2.31
C PHE J 63 -25.32 14.32 2.67
N ALA J 64 -25.69 14.52 3.94
CA ALA J 64 -26.99 14.13 4.49
C ALA J 64 -28.14 14.60 3.63
N ASP J 65 -28.09 15.81 3.09
CA ASP J 65 -29.23 16.30 2.30
C ASP J 65 -29.41 15.63 0.93
N GLY J 66 -28.57 14.64 0.62
CA GLY J 66 -28.67 13.87 -0.60
C GLY J 66 -27.53 14.19 -1.54
N GLY J 67 -27.01 15.39 -1.36
CA GLY J 67 -25.92 15.91 -2.19
C GLY J 67 -24.59 15.21 -2.05
N SER J 68 -23.85 15.24 -3.15
CA SER J 68 -22.62 14.56 -3.19
C SER J 68 -21.65 15.39 -3.98
N THR J 70 -17.76 15.42 -5.65
CA THR J 70 -16.61 14.70 -6.15
C THR J 70 -15.32 15.54 -6.29
N ILE J 71 -14.22 15.03 -5.69
CA ILE J 71 -12.98 15.70 -5.81
C ILE J 71 -12.06 14.72 -6.46
N ARG J 72 -11.81 14.93 -7.75
CA ARG J 72 -10.92 14.03 -8.49
C ARG J 72 -9.51 14.52 -8.27
N GLU J 73 -8.54 13.72 -8.67
CA GLU J 73 -7.17 14.14 -8.52
C GLU J 73 -6.91 15.53 -9.06
N GLY J 74 -6.24 16.31 -8.23
CA GLY J 74 -5.77 17.57 -8.68
C GLY J 74 -6.86 18.61 -8.53
N GLU J 75 -7.96 18.25 -7.87
CA GLU J 75 -9.03 19.22 -7.70
C GLU J 75 -9.02 19.67 -6.29
N ALA J 77 -11.50 21.65 -3.05
CA ALA J 77 -12.86 22.04 -2.60
C ALA J 77 -12.93 22.41 -1.15
N VAL J 78 -14.02 23.07 -0.77
CA VAL J 78 -14.37 23.20 0.65
C VAL J 78 -15.62 22.40 1.16
N VAL J 79 -15.38 21.73 2.29
CA VAL J 79 -16.44 21.09 3.06
C VAL J 79 -16.97 22.14 4.06
N PRO J 80 -18.13 22.66 3.77
CA PRO J 80 -18.75 23.68 4.66
C PRO J 80 -18.82 23.25 6.15
N LYS J 81 -18.09 23.92 7.03
CA LYS J 81 -18.36 23.80 8.50
C LYS J 81 -19.84 23.55 8.83
N SER J 82 -20.04 22.62 9.76
CA SER J 82 -21.30 22.54 10.46
C SER J 82 -22.36 21.59 9.80
N VAL J 83 -21.92 20.68 8.93
CA VAL J 83 -22.85 19.61 8.52
C VAL J 83 -22.30 18.18 8.46
N SER J 84 -23.23 17.22 8.46
CA SER J 84 -22.90 15.82 8.55
C SER J 84 -22.74 15.34 7.14
N HIS J 85 -21.78 14.42 6.95
CA HIS J 85 -21.19 14.13 5.67
C HIS J 85 -20.32 12.88 5.76
N ARG J 86 -19.91 12.35 4.62
CA ARG J 86 -19.23 11.08 4.54
C ARG J 86 -18.20 11.14 3.46
N PRO J 87 -16.95 11.46 3.87
CA PRO J 87 -15.78 11.38 2.99
C PRO J 87 -15.64 9.96 2.55
N ARG J 88 -15.35 9.64 1.29
CA ARG J 88 -15.10 8.23 0.96
C ARG J 88 -14.25 8.14 -0.28
N SER J 89 -13.79 6.94 -0.66
CA SER J 89 -12.98 6.87 -1.83
C SER J 89 -13.07 5.49 -2.48
N GLU J 90 -13.74 5.37 -3.60
CA GLU J 90 -13.78 4.08 -4.26
C GLU J 90 -12.41 3.34 -4.33
N ASN J 91 -11.33 4.04 -4.64
CA ASN J 91 -10.11 3.31 -4.91
C ASN J 91 -8.84 3.79 -4.22
N GLY J 92 -8.94 4.80 -3.32
CA GLY J 92 -7.74 5.29 -2.65
C GLY J 92 -7.34 6.67 -3.08
N CYS J 93 -7.24 7.56 -2.11
CA CYS J 93 -7.00 8.91 -2.37
C CYS J 93 -5.96 9.42 -1.38
N SER J 94 -5.00 10.25 -1.83
CA SER J 94 -4.15 10.99 -0.90
C SER J 94 -4.71 12.39 -0.78
N LEU J 95 -4.94 12.82 0.45
CA LEU J 95 -5.66 14.02 0.63
C LEU J 95 -4.89 14.99 1.54
N VAL J 96 -4.70 16.25 1.14
CA VAL J 96 -4.33 17.27 2.14
C VAL J 96 -5.59 18.00 2.56
N LEU J 97 -5.72 18.36 3.82
CA LEU J 97 -6.76 19.33 4.24
C LEU J 97 -6.12 20.52 4.90
N ILE J 98 -6.68 21.70 4.69
CA ILE J 98 -6.08 22.89 5.22
C ILE J 98 -7.11 23.54 6.11
N GLU J 99 -6.73 23.94 7.31
CA GLU J 99 -7.66 24.76 8.11
C GLU J 99 -6.96 25.75 9.03
N LEU J 100 -7.73 26.64 9.67
CA LEU J 100 -7.17 27.62 10.62
C LEU J 100 -6.45 26.89 11.79
N SER J 101 -5.17 27.21 12.05
CA SER J 101 -4.48 26.65 13.23
C SER J 101 -4.84 27.54 14.37
#